data_5VAN
#
_entry.id   5VAN
#
_cell.length_a   48.683
_cell.length_b   144.069
_cell.length_c   215.612
_cell.angle_alpha   90.000
_cell.angle_beta   90.000
_cell.angle_gamma   90.000
#
_symmetry.space_group_name_H-M   'P 21 21 21'
#
loop_
_entity.id
_entity.type
_entity.pdbx_description
1 polymer Beta-klotho
2 polymer Nb914
3 branched 2-acetamido-2-deoxy-beta-D-glucopyranose-(1-4)-2-acetamido-2-deoxy-beta-D-glucopyranose
4 non-polymer 2-acetamido-2-deoxy-beta-D-glucopyranose
5 non-polymer alpha-D-mannopyranose
6 non-polymer beta-D-glucopyranose
7 non-polymer '2-(N-MORPHOLINO)-ETHANESULFONIC ACID'
8 water water
#
loop_
_entity_poly.entity_id
_entity_poly.type
_entity_poly.pdbx_seq_one_letter_code
_entity_poly.pdbx_strand_id
1 'polypeptide(L)'
;MSNGGLQRSVILSALILLRAVTGFSGDGRAIWSKNPNFTPVNESQLFLYDTFPKNFFWGIGTGALQVEGSWKKDGKGPSI
WDHFIHTHLKNVSSTNGSSDSYIFLEKDLSALDFIGVSFYQFSISWPRLFPDGIVTVANAKGLQYYSTLLDALVLRNIEP
IVTLYHWDLPLALQEKYGGWKNDTIIDIFNDYATYCFQMFGDRVKYWITIHNPYLVAWHGYGTGMHAPGEKGNLAAVYTV
GHNLIKAHSKVWHNYNTHFRPHQKGWLSITLGSHWIEPQRSENTMDIFKCQQSMVSVLGWFANPIHGDGDYPEGMRKKLF
SVLPIFSEAEKHEMRGTADFFAFSFGPNNFKPLNTMAKMGQNVSLNLREALNWIKLEYNNPRILIAENGWFTDSRVKTED
TTAIYMMKNFLSQVLQAIRLDEIRVFGYTAWSLLDGFEWQDAYTIRRGLFYVDFNSKQKERKPKSSAHYYKQIIRENGFS
LKESTPDVQGQFPCDFSWGVTESVLKPESVASSPQFSDPHLYVWNATGNRLLHRVEGVRLKTRPAQCTDFVNIKKQLEML
ARMKVTHYRFALDWASVLPTGQLSAVNRQALRYYRCVVSEGLKLGISAMVTLYYPTHAHLGLPEPLLHADGWLNPSTAEA
FQAYAGLCFQELGDLVKLWITINEPNRLSDIYNRSGNDTYGAAHNLLVAHALAWRLYDRQFRPSQRGAVSLSLHADWAEP
ANPYADSHWRAAERFLQFEIAWFAEPLFKTGDYPAAMREYIASKHRRGLSSSALPRLTEAERRLLKGTVDFCALNHFTTR
FVMHEQLAGSRYDSDRDIQFLQDITRLSSPTRLAVIPWGVRKLLRWVRRNYGDMDIYITASGIDDQALEDDRLRKYYLGK
YLQEVLKAYLIDKVRIKGYYAFKLAEEKSKPRFGFFTSDFKAKSSIQFYNKVISSRGFPFENSSSRCSQTQENT
;
A
2 'polypeptide(L)'
;QVQLVESGGGLVQAGGSLRLSCAASQRTFSPYVGGWFRQAPGKEREFVAAISWSGGTKLYADSVKGRFTISRDNAKNTVY
LQMNTLKREDTAVYYCAARRINEVLTTAPDYDFWGQGTQVTVSSHHHHHHEPEA
;
B
#
# COMPACT_ATOMS: atom_id res chain seq x y z
N PHE A 24 -7.43 -13.68 23.62
CA PHE A 24 -7.23 -15.12 23.84
C PHE A 24 -7.83 -15.91 22.68
N SER A 25 -7.52 -17.21 22.63
CA SER A 25 -8.04 -18.09 21.57
C SER A 25 -9.51 -17.86 21.35
N GLY A 26 -9.91 -17.75 20.08
CA GLY A 26 -11.27 -17.51 19.71
C GLY A 26 -11.69 -16.07 19.63
N ASP A 27 -11.02 -15.16 20.36
CA ASP A 27 -11.51 -13.78 20.40
C ASP A 27 -11.50 -13.15 19.01
N GLY A 28 -10.65 -13.65 18.11
CA GLY A 28 -10.56 -13.04 16.81
C GLY A 28 -11.78 -13.26 15.95
N ARG A 29 -12.57 -14.32 16.27
CA ARG A 29 -13.79 -14.59 15.52
C ARG A 29 -14.75 -13.40 15.51
N ALA A 30 -14.65 -12.51 16.50
CA ALA A 30 -15.49 -11.32 16.56
C ALA A 30 -15.29 -10.39 15.37
N ILE A 31 -14.10 -10.40 14.75
CA ILE A 31 -13.79 -9.41 13.72
C ILE A 31 -14.75 -9.53 12.54
N TRP A 32 -15.26 -10.73 12.25
CA TRP A 32 -16.22 -10.88 11.16
C TRP A 32 -17.65 -10.51 11.58
N SER A 33 -17.83 -10.08 12.84
CA SER A 33 -19.12 -9.70 13.44
C SER A 33 -20.05 -10.88 13.47
N GLN A 45 -17.69 10.63 11.55
CA GLN A 45 -16.59 9.76 11.13
C GLN A 45 -15.44 10.60 10.55
N LEU A 46 -15.24 10.51 9.22
CA LEU A 46 -14.25 11.25 8.45
C LEU A 46 -12.82 10.95 8.86
N PHE A 47 -12.09 10.25 7.99
CA PHE A 47 -10.72 9.80 8.27
C PHE A 47 -9.72 10.85 7.78
N LEU A 48 -9.28 11.73 8.70
CA LEU A 48 -8.47 12.89 8.33
C LEU A 48 -7.00 12.71 8.74
N TYR A 49 -6.45 11.52 8.58
CA TYR A 49 -5.09 11.22 8.97
C TYR A 49 -4.23 10.93 7.75
N ASP A 50 -3.06 11.54 7.70
CA ASP A 50 -2.08 11.26 6.65
C ASP A 50 -0.77 10.73 7.19
N THR A 51 -0.49 10.92 8.47
CA THR A 51 0.85 10.80 9.01
C THR A 51 0.87 9.71 10.07
N PHE A 52 1.93 8.89 10.04
CA PHE A 52 2.13 7.79 10.98
C PHE A 52 2.61 8.35 12.32
N PRO A 53 2.62 7.55 13.39
CA PRO A 53 3.05 8.08 14.68
C PRO A 53 4.49 8.58 14.63
N LYS A 54 4.81 9.50 15.53
CA LYS A 54 6.19 9.95 15.63
C LYS A 54 7.05 8.74 15.96
N ASN A 55 8.25 8.70 15.41
CA ASN A 55 9.16 7.57 15.64
C ASN A 55 8.69 6.25 15.02
N PHE A 56 7.67 6.25 14.16
CA PHE A 56 7.37 5.05 13.38
C PHE A 56 8.61 4.59 12.62
N PHE A 57 8.82 3.27 12.56
CA PHE A 57 10.08 2.66 12.16
C PHE A 57 9.93 2.16 10.72
N TRP A 58 10.55 2.85 9.73
CA TRP A 58 10.43 2.50 8.32
C TRP A 58 11.61 1.64 7.86
N GLY A 59 11.32 0.51 7.22
CA GLY A 59 12.38 -0.39 6.79
C GLY A 59 12.11 -1.10 5.48
N ILE A 60 13.01 -2.03 5.15
CA ILE A 60 12.95 -2.78 3.90
C ILE A 60 13.76 -4.05 4.12
N GLY A 61 13.44 -5.10 3.36
CA GLY A 61 13.99 -6.42 3.66
C GLY A 61 14.42 -7.19 2.42
N THR A 62 15.34 -8.13 2.65
CA THR A 62 15.73 -9.18 1.69
C THR A 62 15.91 -10.48 2.46
N GLY A 63 15.98 -11.58 1.72
CA GLY A 63 16.43 -12.86 2.25
C GLY A 63 17.67 -13.29 1.48
N ALA A 64 18.53 -14.06 2.16
CA ALA A 64 19.86 -14.33 1.62
C ALA A 64 19.81 -15.13 0.33
N LEU A 65 19.02 -16.21 0.31
CA LEU A 65 18.91 -17.03 -0.89
C LEU A 65 18.41 -16.20 -2.08
N GLN A 66 17.49 -15.27 -1.84
CA GLN A 66 16.92 -14.50 -2.95
C GLN A 66 17.96 -13.61 -3.65
N VAL A 67 18.88 -13.01 -2.89
CA VAL A 67 19.66 -11.90 -3.43
C VAL A 67 21.17 -12.15 -3.47
N GLU A 68 21.72 -13.11 -2.70
CA GLU A 68 23.16 -13.11 -2.50
C GLU A 68 23.94 -13.58 -3.74
N GLY A 69 23.43 -14.60 -4.44
CA GLY A 69 24.22 -15.30 -5.47
C GLY A 69 25.42 -15.98 -4.81
N SER A 70 26.44 -16.27 -5.60
CA SER A 70 27.69 -16.88 -5.12
C SER A 70 27.45 -18.13 -4.27
N TRP A 71 26.63 -19.05 -4.80
CA TRP A 71 26.17 -20.19 -4.01
C TRP A 71 27.29 -21.14 -3.58
N LYS A 72 28.46 -21.08 -4.23
CA LYS A 72 29.58 -21.95 -3.84
C LYS A 72 30.90 -21.18 -3.76
N LYS A 73 30.87 -19.86 -3.78
CA LYS A 73 32.07 -19.05 -3.65
C LYS A 73 32.54 -19.01 -2.21
N ASP A 74 33.86 -19.02 -2.01
CA ASP A 74 34.47 -18.72 -0.71
C ASP A 74 34.08 -19.70 0.38
N GLY A 75 34.01 -20.98 0.04
CA GLY A 75 33.75 -22.00 1.04
C GLY A 75 32.31 -22.15 1.48
N LYS A 76 31.36 -21.43 0.89
CA LYS A 76 29.97 -21.61 1.28
C LYS A 76 29.53 -23.04 1.01
N GLY A 77 28.92 -23.70 2.00
CA GLY A 77 28.34 -25.00 1.79
C GLY A 77 27.01 -24.94 1.05
N PRO A 78 26.58 -26.06 0.47
CA PRO A 78 25.29 -26.09 -0.22
C PRO A 78 24.12 -26.12 0.77
N SER A 79 23.02 -25.49 0.38
CA SER A 79 21.78 -25.57 1.14
C SER A 79 20.81 -26.53 0.47
N ILE A 80 19.74 -26.87 1.17
CA ILE A 80 18.71 -27.70 0.56
C ILE A 80 18.10 -27.00 -0.65
N TRP A 81 18.16 -25.66 -0.70
CA TRP A 81 17.58 -24.98 -1.85
C TRP A 81 18.48 -25.09 -3.07
N ASP A 82 19.80 -25.06 -2.87
CA ASP A 82 20.71 -25.29 -3.98
C ASP A 82 20.45 -26.65 -4.62
N HIS A 83 20.28 -27.67 -3.79
CA HIS A 83 19.98 -29.00 -4.31
C HIS A 83 18.59 -29.05 -4.94
N PHE A 84 17.61 -28.38 -4.33
CA PHE A 84 16.23 -28.41 -4.84
C PHE A 84 16.13 -27.68 -6.18
N ILE A 85 16.78 -26.52 -6.30
CA ILE A 85 16.81 -25.80 -7.56
C ILE A 85 17.45 -26.64 -8.65
N HIS A 86 18.58 -27.29 -8.32
CA HIS A 86 19.33 -28.06 -9.32
C HIS A 86 18.59 -29.32 -9.77
N THR A 87 17.63 -29.82 -8.98
CA THR A 87 16.92 -31.04 -9.34
C THR A 87 15.44 -30.85 -9.67
N HIS A 88 14.77 -29.84 -9.13
CA HIS A 88 13.34 -29.68 -9.39
C HIS A 88 13.02 -28.55 -10.36
N LEU A 89 13.90 -27.58 -10.53
CA LEU A 89 13.61 -26.43 -11.38
C LEU A 89 14.45 -26.44 -12.67
N GLY A 97 23.09 -16.19 -12.86
CA GLY A 97 22.70 -14.79 -12.97
C GLY A 97 21.70 -14.32 -11.92
N SER A 98 22.21 -13.87 -10.76
CA SER A 98 21.42 -13.51 -9.59
C SER A 98 21.49 -11.99 -9.35
N SER A 99 20.99 -11.53 -8.20
CA SER A 99 21.20 -10.15 -7.81
C SER A 99 22.64 -9.87 -7.42
N ASP A 100 23.37 -10.91 -7.01
CA ASP A 100 24.79 -10.82 -6.70
C ASP A 100 25.09 -9.84 -5.56
N SER A 101 24.25 -9.83 -4.52
CA SER A 101 24.53 -8.95 -3.38
C SER A 101 25.83 -9.30 -2.66
N TYR A 102 26.27 -10.56 -2.72
CA TYR A 102 27.49 -10.95 -2.00
C TYR A 102 28.71 -10.20 -2.54
N ILE A 103 28.78 -9.97 -3.86
CA ILE A 103 29.90 -9.23 -4.46
C ILE A 103 29.57 -7.77 -4.76
N PHE A 104 28.30 -7.36 -4.63
CA PHE A 104 27.89 -6.00 -4.93
C PHE A 104 27.30 -5.31 -3.71
N LEU A 105 27.89 -5.60 -2.56
CA LEU A 105 27.38 -5.06 -1.30
C LEU A 105 27.31 -3.53 -1.30
N GLU A 106 28.26 -2.87 -1.97
CA GLU A 106 28.26 -1.41 -2.00
C GLU A 106 27.09 -0.86 -2.81
N LYS A 107 26.69 -1.56 -3.88
CA LYS A 107 25.51 -1.13 -4.63
C LYS A 107 24.22 -1.28 -3.82
N ASP A 108 24.14 -2.28 -2.93
CA ASP A 108 22.93 -2.40 -2.10
C ASP A 108 22.88 -1.30 -1.05
N LEU A 109 24.04 -0.96 -0.47
CA LEU A 109 24.09 0.11 0.50
C LEU A 109 23.69 1.44 -0.12
N SER A 110 24.07 1.67 -1.38
CA SER A 110 23.65 2.89 -2.05
C SER A 110 22.14 2.92 -2.25
N ALA A 111 21.54 1.79 -2.61
CA ALA A 111 20.09 1.75 -2.76
C ALA A 111 19.41 2.06 -1.44
N LEU A 112 19.94 1.55 -0.33
CA LEU A 112 19.36 1.85 0.98
C LEU A 112 19.43 3.34 1.28
N ASP A 113 20.55 3.98 0.92
CA ASP A 113 20.68 5.41 1.12
C ASP A 113 19.62 6.18 0.33
N PHE A 114 19.41 5.79 -0.93
CA PHE A 114 18.40 6.44 -1.76
C PHE A 114 17.02 6.37 -1.10
N ILE A 115 16.66 5.19 -0.61
CA ILE A 115 15.35 5.00 0.01
C ILE A 115 15.28 5.77 1.32
N GLY A 116 16.37 5.79 2.08
CA GLY A 116 16.38 6.49 3.36
C GLY A 116 15.78 5.73 4.53
N VAL A 117 15.84 4.39 4.53
CA VAL A 117 15.20 3.60 5.59
C VAL A 117 15.88 3.82 6.95
N SER A 118 15.12 3.61 8.01
CA SER A 118 15.72 3.52 9.34
C SER A 118 16.23 2.12 9.68
N PHE A 119 15.74 1.08 9.01
CA PHE A 119 16.27 -0.25 9.29
C PHE A 119 16.34 -1.06 8.01
N TYR A 120 17.26 -2.02 8.01
CA TYR A 120 17.41 -2.98 6.93
C TYR A 120 17.30 -4.37 7.53
N GLN A 121 16.38 -5.17 7.00
CA GLN A 121 16.16 -6.55 7.45
C GLN A 121 16.81 -7.49 6.43
N PHE A 122 17.70 -8.36 6.93
CA PHE A 122 18.35 -9.32 6.05
C PHE A 122 18.58 -10.59 6.84
N SER A 123 18.85 -11.67 6.12
CA SER A 123 19.10 -12.94 6.80
C SER A 123 20.55 -13.36 6.59
N ILE A 124 21.05 -14.12 7.56
CA ILE A 124 22.34 -14.76 7.45
C ILE A 124 22.14 -16.09 6.78
N SER A 125 22.96 -16.38 5.76
CA SER A 125 22.95 -17.71 5.16
C SER A 125 23.78 -18.62 6.06
N TRP A 126 23.08 -19.46 6.83
CA TRP A 126 23.71 -20.49 7.66
C TRP A 126 24.83 -21.26 6.96
N PRO A 127 24.64 -21.83 5.77
CA PRO A 127 25.74 -22.60 5.16
C PRO A 127 26.87 -21.73 4.66
N ARG A 128 26.65 -20.41 4.50
CA ARG A 128 27.78 -19.55 4.18
C ARG A 128 28.72 -19.40 5.37
N LEU A 129 28.19 -19.43 6.59
CA LEU A 129 28.97 -19.34 7.81
C LEU A 129 29.48 -20.71 8.28
N PHE A 130 28.61 -21.72 8.29
CA PHE A 130 28.94 -23.07 8.75
C PHE A 130 28.53 -24.04 7.67
N PRO A 131 29.46 -24.39 6.78
CA PRO A 131 29.10 -25.16 5.58
C PRO A 131 28.40 -26.47 5.87
N ASP A 132 28.68 -27.10 7.01
CA ASP A 132 28.04 -28.32 7.43
C ASP A 132 27.03 -28.11 8.54
N GLY A 133 26.67 -26.86 8.80
CA GLY A 133 25.67 -26.58 9.83
C GLY A 133 26.13 -26.69 11.27
N ILE A 134 26.80 -27.79 11.62
CA ILE A 134 27.43 -27.86 12.93
C ILE A 134 28.50 -26.78 13.04
N VAL A 135 28.78 -26.35 14.29
CA VAL A 135 29.68 -25.22 14.51
C VAL A 135 31.11 -25.70 14.65
N THR A 136 31.59 -26.44 13.66
CA THR A 136 33.02 -26.60 13.48
C THR A 136 33.52 -25.30 12.86
N VAL A 137 34.72 -25.29 12.27
CA VAL A 137 35.38 -24.02 11.96
C VAL A 137 34.50 -23.15 11.06
N ALA A 138 34.33 -21.89 11.44
CA ALA A 138 33.51 -20.96 10.67
C ALA A 138 34.23 -20.53 9.40
N ASN A 139 33.45 -20.38 8.33
CA ASN A 139 33.99 -19.90 7.05
C ASN A 139 34.37 -18.42 7.20
N ALA A 140 35.67 -18.12 7.17
CA ALA A 140 36.15 -16.78 7.51
C ALA A 140 35.63 -15.71 6.54
N LYS A 141 35.55 -16.04 5.25
CA LYS A 141 35.06 -15.08 4.26
C LYS A 141 33.56 -14.80 4.45
N GLY A 142 32.79 -15.79 4.88
CA GLY A 142 31.39 -15.53 5.20
C GLY A 142 31.23 -14.64 6.41
N LEU A 143 32.01 -14.90 7.46
CA LEU A 143 31.95 -14.02 8.64
C LEU A 143 32.32 -12.59 8.26
N GLN A 144 33.33 -12.43 7.41
CA GLN A 144 33.77 -11.08 7.02
C GLN A 144 32.68 -10.37 6.23
N TYR A 145 31.97 -11.09 5.35
CA TYR A 145 30.90 -10.47 4.59
C TYR A 145 29.82 -9.89 5.51
N TYR A 146 29.29 -10.70 6.44
CA TYR A 146 28.22 -10.19 7.30
C TYR A 146 28.75 -9.14 8.25
N SER A 147 29.99 -9.28 8.72
CA SER A 147 30.55 -8.27 9.60
C SER A 147 30.76 -6.95 8.88
N THR A 148 31.21 -7.00 7.63
CA THR A 148 31.36 -5.76 6.86
C THR A 148 30.03 -5.09 6.63
N LEU A 149 28.99 -5.89 6.33
CA LEU A 149 27.64 -5.36 6.15
C LEU A 149 27.13 -4.68 7.41
N LEU A 150 27.29 -5.34 8.57
CA LEU A 150 26.81 -4.73 9.81
C LEU A 150 27.54 -3.43 10.12
N ASP A 151 28.86 -3.39 9.89
CA ASP A 151 29.61 -2.16 10.12
C ASP A 151 29.12 -1.04 9.22
N ALA A 152 28.89 -1.37 7.95
CA ALA A 152 28.43 -0.36 7.00
C ALA A 152 27.05 0.17 7.35
N LEU A 153 26.17 -0.67 7.90
CA LEU A 153 24.87 -0.20 8.31
C LEU A 153 24.97 0.74 9.50
N VAL A 154 25.74 0.35 10.51
CA VAL A 154 25.88 1.21 11.69
C VAL A 154 26.48 2.57 11.31
N LEU A 155 27.48 2.58 10.42
CA LEU A 155 28.09 3.84 10.04
C LEU A 155 27.08 4.74 9.31
N ARG A 156 26.07 4.16 8.66
CA ARG A 156 25.01 4.92 8.00
C ARG A 156 23.78 5.15 8.87
N ASN A 157 23.84 4.82 10.15
CA ASN A 157 22.69 4.98 11.03
C ASN A 157 21.49 4.16 10.58
N ILE A 158 21.73 2.96 10.07
CA ILE A 158 20.65 2.07 9.70
C ILE A 158 20.68 0.90 10.68
N GLU A 159 19.58 0.69 11.41
CA GLU A 159 19.50 -0.42 12.35
C GLU A 159 19.39 -1.74 11.60
N PRO A 160 20.21 -2.73 11.92
CA PRO A 160 20.03 -4.06 11.33
C PRO A 160 18.90 -4.83 12.02
N ILE A 161 18.08 -5.53 11.22
CA ILE A 161 17.22 -6.58 11.75
C ILE A 161 17.65 -7.87 11.06
N VAL A 162 18.13 -8.83 11.84
CA VAL A 162 18.82 -9.99 11.28
C VAL A 162 17.99 -11.24 11.50
N THR A 163 17.78 -11.98 10.42
CA THR A 163 17.04 -13.24 10.47
C THR A 163 18.05 -14.38 10.41
N LEU A 164 17.99 -15.26 11.41
CA LEU A 164 18.93 -16.38 11.45
C LEU A 164 18.62 -17.41 10.37
N TYR A 165 17.35 -17.65 10.07
CA TYR A 165 16.96 -18.73 9.17
C TYR A 165 15.89 -18.26 8.20
N HIS A 166 16.28 -18.07 6.95
CA HIS A 166 15.30 -17.79 5.91
C HIS A 166 15.35 -18.93 4.88
N TRP A 167 15.14 -20.16 5.36
CA TRP A 167 14.83 -21.38 4.62
C TRP A 167 16.05 -22.09 4.06
N ASP A 168 17.27 -21.58 4.22
CA ASP A 168 18.45 -22.17 3.59
C ASP A 168 19.19 -23.10 4.56
N LEU A 169 18.56 -24.23 4.86
CA LEU A 169 19.20 -25.20 5.74
C LEU A 169 20.41 -25.80 5.04
N PRO A 170 21.57 -25.89 5.70
CA PRO A 170 22.70 -26.63 5.14
C PRO A 170 22.32 -28.04 4.70
N LEU A 171 22.62 -28.37 3.44
CA LEU A 171 22.33 -29.70 2.89
C LEU A 171 22.87 -30.82 3.79
N ALA A 172 24.05 -30.61 4.39
CA ALA A 172 24.63 -31.64 5.25
C ALA A 172 23.71 -32.04 6.39
N LEU A 173 22.92 -31.09 6.91
CA LEU A 173 22.01 -31.43 7.98
C LEU A 173 20.78 -32.18 7.47
N GLN A 174 20.34 -31.89 6.26
CA GLN A 174 19.24 -32.64 5.68
C GLN A 174 19.65 -34.09 5.42
N GLU A 175 20.80 -34.28 4.78
CA GLU A 175 21.24 -35.62 4.41
C GLU A 175 21.59 -36.46 5.63
N LYS A 176 22.20 -35.85 6.64
CA LYS A 176 22.69 -36.62 7.78
C LYS A 176 21.60 -36.92 8.80
N TYR A 177 20.67 -35.98 9.01
CA TYR A 177 19.72 -36.08 10.10
C TYR A 177 18.27 -36.12 9.66
N GLY A 178 17.96 -35.72 8.43
CA GLY A 178 16.59 -35.44 8.07
C GLY A 178 16.14 -34.01 8.38
N GLY A 179 17.07 -33.09 8.62
CA GLY A 179 16.72 -31.68 8.73
C GLY A 179 15.83 -31.41 9.93
N TRP A 180 14.80 -30.57 9.71
CA TRP A 180 13.86 -30.24 10.77
C TRP A 180 13.01 -31.43 11.20
N LYS A 181 13.02 -32.52 10.44
CA LYS A 181 12.33 -33.71 10.91
C LYS A 181 12.97 -34.30 12.15
N ASN A 182 14.24 -33.98 12.43
CA ASN A 182 14.99 -34.63 13.50
C ASN A 182 15.18 -33.61 14.63
N ASP A 183 14.80 -33.97 15.84
CA ASP A 183 14.89 -32.95 16.89
C ASP A 183 16.31 -32.68 17.37
N THR A 184 17.31 -33.42 16.89
CA THR A 184 18.68 -32.94 17.09
C THR A 184 18.90 -31.57 16.46
N ILE A 185 18.03 -31.14 15.53
CA ILE A 185 18.16 -29.82 14.93
C ILE A 185 18.07 -28.72 16.00
N ILE A 186 17.42 -29.00 17.13
CA ILE A 186 17.15 -27.95 18.10
C ILE A 186 18.45 -27.43 18.72
N ASP A 187 19.32 -28.33 19.18
CA ASP A 187 20.60 -27.90 19.73
C ASP A 187 21.54 -27.41 18.63
N ILE A 188 21.48 -28.02 17.45
CA ILE A 188 22.31 -27.58 16.34
C ILE A 188 21.96 -26.15 15.94
N PHE A 189 20.66 -25.83 15.91
CA PHE A 189 20.26 -24.46 15.58
C PHE A 189 20.61 -23.49 16.70
N ASN A 190 20.44 -23.90 17.97
CA ASN A 190 20.82 -23.02 19.07
C ASN A 190 22.32 -22.74 19.08
N ASP A 191 23.15 -23.72 18.71
CA ASP A 191 24.59 -23.49 18.61
C ASP A 191 24.92 -22.41 17.58
N TYR A 192 24.31 -22.52 16.39
CA TYR A 192 24.46 -21.53 15.34
C TYR A 192 24.03 -20.14 15.81
N ALA A 193 22.86 -20.05 16.47
CA ALA A 193 22.38 -18.77 16.98
C ALA A 193 23.35 -18.18 18.02
N THR A 194 23.86 -19.03 18.92
CA THR A 194 24.81 -18.57 19.93
C THR A 194 26.03 -17.91 19.30
N TYR A 195 26.63 -18.58 18.32
CA TYR A 195 27.73 -17.97 17.58
C TYR A 195 27.34 -16.62 16.99
N CYS A 196 26.14 -16.53 16.40
CA CYS A 196 25.70 -15.27 15.82
C CYS A 196 25.50 -14.20 16.87
N PHE A 197 24.92 -14.56 18.02
CA PHE A 197 24.78 -13.56 19.08
C PHE A 197 26.15 -13.07 19.52
N GLN A 198 27.13 -13.97 19.57
CA GLN A 198 28.48 -13.60 20.02
C GLN A 198 29.21 -12.76 18.97
N MET A 199 29.08 -13.09 17.69
CA MET A 199 29.86 -12.34 16.71
C MET A 199 29.19 -11.04 16.30
N PHE A 200 27.85 -10.97 16.28
CA PHE A 200 27.15 -9.86 15.67
C PHE A 200 26.31 -9.05 16.65
N GLY A 201 26.02 -9.58 17.84
CA GLY A 201 24.99 -9.01 18.70
C GLY A 201 25.37 -7.71 19.36
N ASP A 202 26.67 -7.40 19.41
CA ASP A 202 27.14 -6.07 19.74
C ASP A 202 26.50 -5.00 18.84
N ARG A 203 26.24 -5.35 17.59
CA ARG A 203 25.81 -4.41 16.57
C ARG A 203 24.35 -4.59 16.15
N VAL A 204 23.65 -5.58 16.72
CA VAL A 204 22.32 -5.96 16.27
C VAL A 204 21.40 -5.90 17.47
N LYS A 205 20.33 -5.12 17.37
CA LYS A 205 19.35 -5.00 18.43
C LYS A 205 18.03 -5.68 18.09
N TYR A 206 17.84 -6.16 16.86
CA TYR A 206 16.61 -6.86 16.48
C TYR A 206 16.94 -8.16 15.80
N TRP A 207 16.46 -9.26 16.38
CA TRP A 207 16.69 -10.61 15.89
C TRP A 207 15.38 -11.26 15.53
N ILE A 208 15.37 -11.96 14.39
CA ILE A 208 14.32 -12.89 14.00
C ILE A 208 14.95 -14.28 13.90
N THR A 209 14.36 -15.27 14.57
CA THR A 209 14.92 -16.62 14.46
C THR A 209 14.61 -17.24 13.11
N ILE A 210 13.32 -17.40 12.81
CA ILE A 210 12.86 -18.09 11.61
C ILE A 210 11.92 -17.18 10.84
N HIS A 211 12.10 -17.09 9.53
CA HIS A 211 11.15 -16.39 8.68
C HIS A 211 10.02 -17.35 8.23
N ASN A 212 8.81 -17.11 8.70
CA ASN A 212 7.61 -17.81 8.23
C ASN A 212 7.73 -19.33 8.35
N PRO A 213 7.75 -19.86 9.58
CA PRO A 213 7.88 -21.31 9.72
C PRO A 213 6.74 -22.09 9.09
N TYR A 214 5.55 -21.49 8.99
CA TYR A 214 4.44 -22.21 8.36
C TYR A 214 4.82 -22.73 6.98
N LEU A 215 5.55 -21.92 6.18
CA LEU A 215 5.80 -22.37 4.81
C LEU A 215 6.90 -23.42 4.77
N VAL A 216 7.85 -23.34 5.71
CA VAL A 216 8.89 -24.36 5.81
C VAL A 216 8.26 -25.74 5.99
N ALA A 217 7.33 -25.86 6.95
CA ALA A 217 6.68 -27.15 7.19
C ALA A 217 5.70 -27.49 6.07
N TRP A 218 4.79 -26.56 5.75
CA TRP A 218 3.70 -26.84 4.84
C TRP A 218 4.18 -27.07 3.41
N HIS A 219 5.02 -26.17 2.89
CA HIS A 219 5.49 -26.37 1.51
C HIS A 219 6.69 -27.31 1.44
N GLY A 220 7.47 -27.41 2.52
CA GLY A 220 8.63 -28.29 2.49
C GLY A 220 8.26 -29.77 2.53
N TYR A 221 7.14 -30.10 3.18
CA TYR A 221 6.80 -31.49 3.44
C TYR A 221 5.35 -31.84 3.15
N GLY A 222 4.47 -30.85 2.93
CA GLY A 222 3.06 -31.05 2.65
C GLY A 222 2.78 -31.02 1.17
N THR A 223 3.00 -29.88 0.53
CA THR A 223 2.78 -29.73 -0.91
C THR A 223 3.98 -30.12 -1.76
N GLY A 224 5.18 -30.15 -1.18
CA GLY A 224 6.36 -30.40 -1.99
C GLY A 224 6.81 -29.25 -2.86
N MET A 225 6.20 -28.07 -2.75
CA MET A 225 6.60 -26.92 -3.56
C MET A 225 7.92 -26.30 -3.12
N HIS A 226 8.34 -26.51 -1.86
CA HIS A 226 9.56 -25.91 -1.35
C HIS A 226 10.53 -27.01 -0.97
N ALA A 227 11.80 -26.65 -0.86
CA ALA A 227 12.83 -27.58 -0.42
C ALA A 227 12.43 -28.09 0.97
N PRO A 228 12.68 -29.38 1.28
CA PRO A 228 13.36 -30.39 0.46
C PRO A 228 12.43 -31.11 -0.51
N GLY A 229 11.17 -30.73 -0.60
CA GLY A 229 10.33 -31.25 -1.66
C GLY A 229 9.58 -32.55 -1.37
N GLU A 230 9.37 -32.90 -0.10
CA GLU A 230 8.48 -34.02 0.20
C GLU A 230 7.04 -33.56 0.03
N LYS A 231 6.18 -34.43 -0.50
CA LYS A 231 4.76 -34.08 -0.52
C LYS A 231 3.92 -35.17 0.13
N GLY A 232 2.86 -34.74 0.79
CA GLY A 232 1.93 -35.64 1.43
C GLY A 232 2.39 -36.23 2.73
N ASN A 233 3.51 -35.77 3.29
CA ASN A 233 4.05 -36.41 4.47
C ASN A 233 3.45 -35.71 5.69
N LEU A 234 2.28 -36.21 6.12
CA LEU A 234 1.52 -35.56 7.18
C LEU A 234 2.28 -35.54 8.51
N ALA A 235 2.90 -36.66 8.85
CA ALA A 235 3.65 -36.72 10.10
C ALA A 235 4.81 -35.72 10.09
N ALA A 236 5.49 -35.58 8.96
CA ALA A 236 6.65 -34.69 8.93
C ALA A 236 6.21 -33.23 9.02
N VAL A 237 5.09 -32.88 8.39
CA VAL A 237 4.59 -31.51 8.41
C VAL A 237 4.49 -31.01 9.84
N TYR A 238 3.91 -31.81 10.71
CA TYR A 238 3.66 -31.36 12.07
C TYR A 238 4.82 -31.65 13.01
N THR A 239 5.66 -32.64 12.69
CA THR A 239 6.92 -32.84 13.41
C THR A 239 7.89 -31.71 13.11
N VAL A 240 7.94 -31.27 11.84
CA VAL A 240 8.80 -30.14 11.47
C VAL A 240 8.33 -28.88 12.18
N GLY A 241 7.02 -28.61 12.12
CA GLY A 241 6.48 -27.45 12.83
C GLY A 241 6.89 -27.44 14.29
N HIS A 242 6.88 -28.63 14.92
CA HIS A 242 7.17 -28.75 16.34
C HIS A 242 8.64 -28.43 16.63
N ASN A 243 9.55 -28.90 15.77
CA ASN A 243 10.96 -28.62 16.02
C ASN A 243 11.29 -27.16 15.71
N LEU A 244 10.62 -26.55 14.74
CA LEU A 244 10.79 -25.11 14.51
C LEU A 244 10.37 -24.32 15.76
N ILE A 245 9.26 -24.70 16.38
CA ILE A 245 8.78 -23.98 17.56
C ILE A 245 9.73 -24.18 18.74
N LYS A 246 10.15 -25.43 18.98
CA LYS A 246 11.05 -25.68 20.10
C LYS A 246 12.42 -25.04 19.87
N ALA A 247 12.92 -25.07 18.63
CA ALA A 247 14.16 -24.37 18.32
C ALA A 247 14.03 -22.88 18.58
N HIS A 248 12.96 -22.26 18.10
CA HIS A 248 12.76 -20.85 18.39
C HIS A 248 12.81 -20.58 19.88
N SER A 249 12.05 -21.38 20.64
CA SER A 249 11.94 -21.16 22.08
C SER A 249 13.28 -21.32 22.77
N LYS A 250 14.05 -22.33 22.36
CA LYS A 250 15.37 -22.54 22.94
C LYS A 250 16.27 -21.32 22.71
N VAL A 251 16.23 -20.80 21.49
CA VAL A 251 17.04 -19.63 21.16
C VAL A 251 16.59 -18.40 21.92
N TRP A 252 15.27 -18.23 22.08
CA TRP A 252 14.79 -17.08 22.87
C TRP A 252 15.33 -17.14 24.29
N HIS A 253 15.24 -18.29 24.95
CA HIS A 253 15.73 -18.38 26.32
C HIS A 253 17.24 -18.17 26.38
N ASN A 254 17.95 -18.66 25.36
CA ASN A 254 19.38 -18.41 25.25
C ASN A 254 19.68 -16.93 25.15
N TYR A 255 19.06 -16.23 24.19
CA TYR A 255 19.23 -14.79 24.09
C TYR A 255 18.86 -14.12 25.41
N ASN A 256 17.71 -14.49 25.96
CA ASN A 256 17.18 -13.77 27.10
C ASN A 256 18.10 -13.87 28.30
N THR A 257 18.69 -15.03 28.55
CA THR A 257 19.52 -15.17 29.74
C THR A 257 20.96 -14.74 29.52
N HIS A 258 21.54 -15.01 28.35
CA HIS A 258 22.97 -14.80 28.17
C HIS A 258 23.31 -13.58 27.34
N PHE A 259 22.38 -13.01 26.62
CA PHE A 259 22.87 -11.94 25.77
C PHE A 259 22.13 -10.63 25.97
N ARG A 260 20.83 -10.67 26.22
CA ARG A 260 20.07 -9.44 26.40
C ARG A 260 20.62 -8.54 27.50
N PRO A 261 21.15 -9.05 28.64
CA PRO A 261 21.62 -8.11 29.68
C PRO A 261 22.70 -7.19 29.20
N HIS A 262 23.66 -7.65 28.39
CA HIS A 262 24.68 -6.73 27.93
C HIS A 262 24.47 -6.26 26.49
N GLN A 263 23.62 -6.92 25.70
CA GLN A 263 23.39 -6.43 24.34
C GLN A 263 22.08 -5.67 24.19
N LYS A 264 21.10 -5.89 25.07
CA LYS A 264 19.92 -5.02 25.21
C LYS A 264 19.07 -4.96 23.94
N GLY A 265 18.98 -6.08 23.21
CA GLY A 265 18.16 -6.15 22.02
C GLY A 265 16.86 -6.90 22.24
N TRP A 266 16.19 -7.18 21.13
CA TRP A 266 14.89 -7.83 21.10
C TRP A 266 14.88 -8.94 20.06
N LEU A 267 14.19 -10.02 20.35
CA LEU A 267 14.16 -11.16 19.47
C LEU A 267 12.72 -11.61 19.27
N SER A 268 12.36 -11.92 18.02
CA SER A 268 11.04 -12.48 17.76
C SER A 268 11.14 -13.53 16.64
N ILE A 269 10.00 -13.87 16.06
CA ILE A 269 9.90 -14.82 14.96
C ILE A 269 8.84 -14.30 14.00
N THR A 270 9.05 -14.46 12.70
CA THR A 270 8.16 -13.86 11.71
C THR A 270 7.12 -14.91 11.32
N LEU A 271 5.86 -14.66 11.67
CA LEU A 271 4.76 -15.55 11.35
C LEU A 271 3.94 -14.94 10.22
N GLY A 272 3.68 -15.71 9.18
CA GLY A 272 2.93 -15.16 8.07
C GLY A 272 1.53 -15.72 8.09
N SER A 273 0.60 -15.05 7.41
CA SER A 273 -0.70 -15.64 7.16
C SER A 273 -1.36 -14.89 6.01
N HIS A 274 -2.43 -15.48 5.52
CA HIS A 274 -3.34 -14.86 4.59
C HIS A 274 -4.42 -14.14 5.39
N TRP A 275 -5.38 -13.55 4.70
CA TRP A 275 -6.65 -13.17 5.30
C TRP A 275 -7.77 -13.83 4.53
N ILE A 276 -8.94 -13.92 5.17
CA ILE A 276 -10.06 -14.71 4.63
C ILE A 276 -11.37 -14.10 5.10
N GLU A 277 -12.42 -14.26 4.28
CA GLU A 277 -13.75 -13.70 4.53
C GLU A 277 -14.82 -14.73 4.21
N PRO A 278 -15.99 -14.64 4.85
CA PRO A 278 -17.00 -15.71 4.68
C PRO A 278 -17.54 -15.81 3.25
N GLN A 279 -17.64 -17.06 2.77
CA GLN A 279 -18.16 -17.35 1.43
C GLN A 279 -19.61 -16.90 1.26
N ARG A 280 -20.35 -16.74 2.36
CA ARG A 280 -21.65 -16.08 2.34
C ARG A 280 -21.64 -14.98 3.40
N SER A 281 -22.24 -13.84 3.02
CA SER A 281 -21.81 -12.53 3.50
C SER A 281 -21.68 -12.47 5.01
N GLU A 282 -22.69 -12.93 5.72
CA GLU A 282 -22.59 -12.99 7.16
C GLU A 282 -23.13 -14.33 7.64
N ASN A 283 -22.56 -15.41 7.17
CA ASN A 283 -23.08 -16.71 7.59
C ASN A 283 -22.22 -17.21 8.76
N THR A 284 -22.89 -17.61 9.85
CA THR A 284 -22.15 -17.92 11.08
C THR A 284 -21.31 -19.17 10.92
N MET A 285 -21.82 -20.20 10.23
CA MET A 285 -20.99 -21.38 9.97
C MET A 285 -19.80 -21.04 9.08
N ASP A 286 -19.98 -20.10 8.15
CA ASP A 286 -18.86 -19.67 7.31
C ASP A 286 -17.83 -18.89 8.14
N ILE A 287 -18.30 -18.02 9.04
CA ILE A 287 -17.40 -17.30 9.91
C ILE A 287 -16.63 -18.29 10.78
N PHE A 288 -17.34 -19.27 11.32
CA PHE A 288 -16.68 -20.31 12.11
C PHE A 288 -15.54 -20.96 11.32
N LYS A 289 -15.74 -21.17 10.01
CA LYS A 289 -14.71 -21.77 9.15
C LYS A 289 -13.58 -20.80 8.82
N CYS A 290 -13.86 -19.50 8.69
CA CYS A 290 -12.79 -18.51 8.55
C CYS A 290 -11.85 -18.55 9.74
N GLN A 291 -12.42 -18.58 10.95
CA GLN A 291 -11.62 -18.70 12.16
C GLN A 291 -10.71 -19.91 12.09
N GLN A 292 -11.24 -21.04 11.61
CA GLN A 292 -10.46 -22.28 11.49
C GLN A 292 -9.35 -22.14 10.47
N SER A 293 -9.65 -21.50 9.35
CA SER A 293 -8.61 -21.21 8.35
C SER A 293 -7.47 -20.38 8.96
N MET A 294 -7.81 -19.33 9.73
CA MET A 294 -6.74 -18.52 10.34
C MET A 294 -6.00 -19.29 11.41
N VAL A 295 -6.73 -20.00 12.28
CA VAL A 295 -6.11 -20.81 13.31
C VAL A 295 -5.16 -21.83 12.70
N SER A 296 -5.51 -22.36 11.52
CA SER A 296 -4.71 -23.45 10.96
C SER A 296 -3.38 -22.95 10.39
N VAL A 297 -3.26 -21.66 10.09
CA VAL A 297 -2.04 -21.10 9.51
C VAL A 297 -1.25 -20.32 10.53
N LEU A 298 -1.87 -19.31 11.13
CA LEU A 298 -1.22 -18.44 12.12
C LEU A 298 -1.31 -19.01 13.53
N GLY A 299 -2.49 -19.49 13.95
CA GLY A 299 -2.66 -20.03 15.28
C GLY A 299 -1.72 -21.20 15.57
N TRP A 300 -1.42 -22.01 14.56
CA TRP A 300 -0.56 -23.17 14.74
C TRP A 300 0.79 -22.79 15.37
N PHE A 301 1.42 -21.71 14.91
CA PHE A 301 2.67 -21.25 15.50
C PHE A 301 2.50 -20.16 16.53
N ALA A 302 1.44 -19.34 16.43
CA ALA A 302 1.34 -18.20 17.34
C ALA A 302 0.73 -18.55 18.69
N ASN A 303 -0.22 -19.49 18.76
CA ASN A 303 -0.71 -19.91 20.08
C ASN A 303 0.40 -20.43 20.97
N PRO A 304 1.31 -21.29 20.51
CA PRO A 304 2.40 -21.72 21.40
C PRO A 304 3.34 -20.60 21.80
N ILE A 305 3.59 -19.63 20.93
CA ILE A 305 4.64 -18.63 21.16
C ILE A 305 4.06 -17.37 21.79
N HIS A 306 2.95 -16.86 21.26
CA HIS A 306 2.31 -15.65 21.75
C HIS A 306 1.08 -15.90 22.62
N GLY A 307 0.52 -17.12 22.59
CA GLY A 307 -0.73 -17.41 23.30
C GLY A 307 -0.53 -18.18 24.59
N ASP A 308 -1.26 -19.28 24.78
CA ASP A 308 -1.15 -20.03 26.03
C ASP A 308 -0.03 -21.07 26.01
N GLY A 309 0.74 -21.17 24.94
CA GLY A 309 1.88 -22.05 24.97
C GLY A 309 1.60 -23.48 24.54
N ASP A 310 0.39 -23.75 24.07
CA ASP A 310 0.01 -25.02 23.49
C ASP A 310 -0.50 -24.76 22.07
N TYR A 311 -0.62 -25.83 21.29
CA TYR A 311 -1.30 -25.72 20.03
C TYR A 311 -2.76 -25.35 20.25
N PRO A 312 -3.39 -24.73 19.26
CA PRO A 312 -4.83 -24.44 19.37
C PRO A 312 -5.66 -25.69 19.63
N GLU A 313 -6.77 -25.52 20.36
CA GLU A 313 -7.60 -26.65 20.78
C GLU A 313 -8.13 -27.44 19.58
N GLY A 314 -8.70 -26.75 18.60
CA GLY A 314 -9.20 -27.44 17.43
C GLY A 314 -8.15 -28.30 16.75
N MET A 315 -6.93 -27.78 16.63
CA MET A 315 -5.88 -28.58 16.00
C MET A 315 -5.54 -29.79 16.84
N ARG A 316 -5.45 -29.61 18.17
CA ARG A 316 -5.11 -30.75 19.02
C ARG A 316 -6.12 -31.88 18.84
N LYS A 317 -7.40 -31.54 18.64
CA LYS A 317 -8.45 -32.55 18.48
C LYS A 317 -8.39 -33.21 17.11
N LYS A 318 -8.48 -32.41 16.04
CA LYS A 318 -8.48 -32.97 14.70
C LYS A 318 -7.21 -33.77 14.41
N LEU A 319 -6.06 -33.31 14.90
CA LEU A 319 -4.77 -33.87 14.54
C LEU A 319 -4.11 -34.63 15.69
N PHE A 320 -4.88 -34.95 16.74
CA PHE A 320 -4.32 -35.66 17.89
C PHE A 320 -3.44 -36.84 17.47
N SER A 321 -3.76 -37.46 16.34
CA SER A 321 -2.85 -38.33 15.63
C SER A 321 -1.40 -37.87 15.68
N VAL A 322 -1.04 -36.96 14.78
CA VAL A 322 0.36 -36.68 14.45
C VAL A 322 0.92 -35.46 15.16
N LEU A 323 0.08 -34.59 15.71
CA LEU A 323 0.60 -33.39 16.36
C LEU A 323 1.36 -33.79 17.61
N PRO A 324 2.66 -33.52 17.71
CA PRO A 324 3.38 -33.88 18.94
C PRO A 324 2.86 -33.09 20.12
N ILE A 325 3.25 -33.55 21.31
CA ILE A 325 2.64 -33.09 22.55
C ILE A 325 3.64 -32.23 23.30
N PHE A 326 3.21 -31.05 23.71
CA PHE A 326 3.98 -30.25 24.66
C PHE A 326 3.72 -30.73 26.08
N SER A 327 4.78 -31.06 26.81
CA SER A 327 4.64 -31.32 28.24
C SER A 327 4.21 -30.04 28.95
N GLU A 328 3.63 -30.19 30.14
CA GLU A 328 3.16 -29.01 30.87
C GLU A 328 4.30 -28.04 31.18
N ALA A 329 5.51 -28.55 31.45
CA ALA A 329 6.66 -27.69 31.62
C ALA A 329 7.04 -26.97 30.32
N GLU A 330 6.99 -27.70 29.19
CA GLU A 330 7.28 -27.08 27.90
C GLU A 330 6.33 -25.93 27.59
N LYS A 331 5.04 -26.09 27.89
CA LYS A 331 4.07 -25.03 27.61
C LYS A 331 4.46 -23.72 28.30
N HIS A 332 4.91 -23.80 29.55
CA HIS A 332 5.28 -22.60 30.28
C HIS A 332 6.55 -21.98 29.69
N GLU A 333 7.37 -22.78 29.03
CA GLU A 333 8.60 -22.32 28.37
C GLU A 333 8.41 -21.91 26.92
N MET A 334 7.28 -22.25 26.30
CA MET A 334 7.03 -21.79 24.94
C MET A 334 6.40 -20.39 24.93
N ARG A 335 5.49 -20.12 25.86
CA ARG A 335 4.74 -18.89 25.73
C ARG A 335 5.55 -17.70 26.20
N GLY A 336 5.36 -16.57 25.54
CA GLY A 336 6.16 -15.39 25.83
C GLY A 336 7.56 -15.41 25.26
N THR A 337 7.86 -16.28 24.29
CA THR A 337 9.19 -16.27 23.69
C THR A 337 9.28 -15.36 22.46
N ALA A 338 8.68 -14.20 22.53
CA ALA A 338 8.85 -13.24 21.44
C ALA A 338 8.66 -11.86 22.03
N ASP A 339 9.60 -10.96 21.76
CA ASP A 339 9.56 -9.64 22.36
C ASP A 339 8.58 -8.71 21.65
N PHE A 340 8.14 -9.07 20.45
CA PHE A 340 7.11 -8.34 19.72
C PHE A 340 6.51 -9.34 18.73
N PHE A 341 5.37 -9.00 18.14
CA PHE A 341 4.73 -9.83 17.13
C PHE A 341 5.25 -9.39 15.76
N ALA A 342 6.03 -10.26 15.12
CA ALA A 342 6.53 -10.00 13.77
C ALA A 342 5.61 -10.71 12.78
N PHE A 343 5.01 -9.94 11.88
CA PHE A 343 3.93 -10.42 11.03
C PHE A 343 4.33 -10.25 9.56
N SER A 344 4.20 -11.33 8.79
CA SER A 344 4.43 -11.33 7.34
C SER A 344 3.09 -11.41 6.60
N PHE A 345 2.93 -10.57 5.59
CA PHE A 345 1.65 -10.50 4.86
C PHE A 345 1.96 -10.17 3.40
N GLY A 346 2.21 -11.20 2.63
CA GLY A 346 2.58 -11.03 1.25
C GLY A 346 2.24 -12.24 0.41
N PRO A 347 2.75 -12.26 -0.83
CA PRO A 347 2.29 -13.27 -1.80
C PRO A 347 2.64 -14.69 -1.43
N ASN A 348 3.62 -14.92 -0.56
CA ASN A 348 3.94 -16.31 -0.23
C ASN A 348 2.85 -16.98 0.61
N ASN A 349 1.95 -16.22 1.21
CA ASN A 349 0.87 -16.86 1.96
C ASN A 349 -0.43 -16.90 1.18
N PHE A 350 -0.42 -16.44 -0.08
CA PHE A 350 -1.60 -16.50 -0.95
C PHE A 350 -1.40 -17.32 -2.20
N LYS A 351 -0.17 -17.46 -2.69
CA LYS A 351 0.10 -18.19 -3.94
C LYS A 351 1.23 -19.20 -3.74
N PRO A 352 1.10 -20.42 -4.31
CA PRO A 352 -0.03 -20.95 -5.08
C PRO A 352 -1.25 -21.24 -4.23
N LEU A 353 -2.31 -21.73 -4.87
CA LEU A 353 -3.60 -21.88 -4.20
C LEU A 353 -3.57 -22.92 -3.08
N ASN A 354 -2.73 -23.96 -3.18
CA ASN A 354 -2.68 -24.96 -2.12
C ASN A 354 -1.88 -24.54 -0.88
N THR A 355 -1.52 -23.25 -0.78
CA THR A 355 -0.74 -22.77 0.36
C THR A 355 -1.52 -22.86 1.67
N MET A 356 -2.85 -22.70 1.62
CA MET A 356 -3.65 -22.71 2.84
C MET A 356 -4.94 -23.49 2.63
N ALA A 357 -5.42 -24.07 3.73
CA ALA A 357 -6.78 -24.58 3.80
C ALA A 357 -7.74 -23.41 3.93
N LYS A 358 -8.59 -23.22 2.93
CA LYS A 358 -9.54 -22.12 2.94
C LYS A 358 -10.90 -22.50 3.52
N MET A 359 -11.13 -23.78 3.84
CA MET A 359 -12.41 -24.26 4.40
C MET A 359 -13.60 -23.82 3.54
N GLY A 360 -13.41 -23.74 2.23
CA GLY A 360 -14.44 -23.24 1.36
C GLY A 360 -14.65 -21.74 1.36
N GLN A 361 -13.88 -20.96 2.12
CA GLN A 361 -14.13 -19.52 2.23
C GLN A 361 -13.30 -18.75 1.20
N ASN A 362 -13.36 -17.41 1.28
CA ASN A 362 -12.83 -16.49 0.27
C ASN A 362 -11.57 -15.80 0.77
N VAL A 363 -10.44 -15.97 0.06
CA VAL A 363 -9.23 -15.29 0.47
C VAL A 363 -9.37 -13.78 0.24
N SER A 364 -8.63 -13.01 1.03
CA SER A 364 -8.75 -11.55 1.05
C SER A 364 -7.41 -10.91 1.39
N LEU A 365 -7.16 -9.74 0.80
CA LEU A 365 -5.95 -8.97 1.05
C LEU A 365 -6.14 -7.88 2.09
N ASN A 366 -7.12 -8.03 2.96
CA ASN A 366 -7.43 -6.99 3.96
C ASN A 366 -6.44 -7.11 5.12
N LEU A 367 -5.36 -6.33 5.03
CA LEU A 367 -4.36 -6.28 6.10
C LEU A 367 -4.93 -5.66 7.37
N ARG A 368 -5.79 -4.65 7.24
CA ARG A 368 -6.36 -4.06 8.45
C ARG A 368 -7.09 -5.10 9.30
N GLU A 369 -7.88 -5.98 8.65
CA GLU A 369 -8.64 -6.97 9.39
C GLU A 369 -7.73 -8.02 9.99
N ALA A 370 -6.69 -8.43 9.25
CA ALA A 370 -5.72 -9.39 9.79
C ALA A 370 -5.05 -8.84 11.07
N LEU A 371 -4.69 -7.54 11.07
CA LEU A 371 -4.08 -6.95 12.25
C LEU A 371 -5.03 -6.92 13.44
N ASN A 372 -6.32 -6.66 13.19
CA ASN A 372 -7.30 -6.69 14.27
C ASN A 372 -7.47 -8.10 14.83
N TRP A 373 -7.43 -9.11 13.97
CA TRP A 373 -7.49 -10.49 14.43
C TRP A 373 -6.30 -10.80 15.35
N ILE A 374 -5.10 -10.39 14.96
CA ILE A 374 -3.92 -10.54 15.82
C ILE A 374 -4.13 -9.84 17.15
N LYS A 375 -4.61 -8.59 17.11
CA LYS A 375 -4.85 -7.86 18.35
C LYS A 375 -5.83 -8.60 19.27
N LEU A 376 -6.90 -9.13 18.70
CA LEU A 376 -7.87 -9.85 19.51
C LEU A 376 -7.30 -11.17 20.02
N GLU A 377 -6.74 -11.99 19.12
CA GLU A 377 -6.34 -13.34 19.50
C GLU A 377 -5.22 -13.34 20.52
N TYR A 378 -4.22 -12.45 20.34
CA TYR A 378 -3.02 -12.46 21.17
C TYR A 378 -2.91 -11.21 22.05
N ASN A 379 -4.03 -10.57 22.36
CA ASN A 379 -4.11 -9.62 23.49
C ASN A 379 -3.27 -8.36 23.27
N ASN A 380 -3.49 -7.69 22.14
CA ASN A 380 -2.95 -6.37 21.84
C ASN A 380 -1.44 -6.30 21.95
N PRO A 381 -0.69 -7.12 21.20
CA PRO A 381 0.77 -7.06 21.25
C PRO A 381 1.32 -5.89 20.41
N ARG A 382 2.58 -5.56 20.66
CA ARG A 382 3.30 -4.66 19.74
C ARG A 382 3.62 -5.41 18.45
N ILE A 383 3.42 -4.77 17.32
CA ILE A 383 3.47 -5.47 16.03
C ILE A 383 4.50 -4.81 15.13
N LEU A 384 5.42 -5.60 14.61
CA LEU A 384 6.21 -5.21 13.46
C LEU A 384 5.64 -5.89 12.21
N ILE A 385 5.33 -5.10 11.19
CA ILE A 385 5.04 -5.67 9.87
C ILE A 385 6.39 -6.04 9.28
N ALA A 386 6.79 -7.31 9.41
CA ALA A 386 8.14 -7.71 9.01
C ALA A 386 8.27 -8.02 7.54
N GLU A 387 7.16 -8.07 6.79
CA GLU A 387 7.22 -8.28 5.36
C GLU A 387 5.87 -7.89 4.78
N ASN A 388 5.86 -7.00 3.80
CA ASN A 388 4.60 -6.69 3.15
C ASN A 388 4.91 -6.12 1.78
N GLY A 389 4.15 -6.56 0.80
CA GLY A 389 4.40 -6.21 -0.58
C GLY A 389 3.59 -7.13 -1.44
N TRP A 390 3.73 -6.96 -2.74
CA TRP A 390 3.11 -7.87 -3.69
C TRP A 390 4.15 -8.15 -4.75
N PHE A 391 3.74 -8.45 -5.97
CA PHE A 391 4.69 -8.83 -7.01
C PHE A 391 4.14 -8.33 -8.33
N THR A 392 5.02 -8.24 -9.33
CA THR A 392 4.62 -8.03 -10.71
C THR A 392 5.19 -9.15 -11.57
N ASP A 393 4.71 -9.23 -12.81
CA ASP A 393 5.34 -10.10 -13.79
C ASP A 393 6.75 -9.60 -14.08
N SER A 394 7.65 -10.50 -14.47
CA SER A 394 9.05 -10.14 -14.72
C SER A 394 9.20 -9.15 -15.88
N ARG A 395 8.19 -8.99 -16.73
CA ARG A 395 8.26 -8.04 -17.83
C ARG A 395 8.06 -6.59 -17.38
N VAL A 396 7.50 -6.36 -16.19
CA VAL A 396 7.43 -5.03 -15.62
C VAL A 396 8.81 -4.64 -15.10
N LYS A 397 9.40 -3.59 -15.67
CA LYS A 397 10.75 -3.20 -15.29
C LYS A 397 10.77 -2.12 -14.22
N THR A 398 10.78 -0.84 -14.58
CA THR A 398 10.83 0.20 -13.56
C THR A 398 9.52 0.94 -13.32
N GLU A 399 8.59 0.90 -14.27
CA GLU A 399 7.33 1.63 -14.13
C GLU A 399 6.26 0.70 -13.54
N ASP A 400 6.38 0.47 -12.22
CA ASP A 400 5.45 -0.45 -11.54
C ASP A 400 4.37 0.33 -10.80
N THR A 401 3.49 0.90 -11.61
CA THR A 401 2.29 1.56 -11.11
C THR A 401 1.52 0.68 -10.14
N THR A 402 1.35 -0.60 -10.47
CA THR A 402 0.53 -1.47 -9.62
C THR A 402 1.18 -1.73 -8.27
N ALA A 403 2.52 -1.69 -8.19
CA ALA A 403 3.15 -1.84 -6.89
C ALA A 403 2.88 -0.63 -6.02
N ILE A 404 2.87 0.57 -6.62
CA ILE A 404 2.53 1.78 -5.88
C ILE A 404 1.12 1.67 -5.33
N TYR A 405 0.17 1.19 -6.13
CA TYR A 405 -1.21 1.17 -5.66
C TYR A 405 -1.45 0.04 -4.67
N MET A 406 -0.70 -1.06 -4.79
CA MET A 406 -0.73 -2.08 -3.74
C MET A 406 -0.21 -1.50 -2.43
N MET A 407 0.88 -0.75 -2.50
CA MET A 407 1.47 -0.18 -1.30
C MET A 407 0.57 0.89 -0.69
N LYS A 408 0.04 1.79 -1.52
CA LYS A 408 -0.97 2.75 -1.06
C LYS A 408 -2.05 2.05 -0.26
N ASN A 409 -2.55 0.91 -0.76
CA ASN A 409 -3.65 0.25 -0.10
C ASN A 409 -3.21 -0.38 1.21
N PHE A 410 -2.06 -1.07 1.20
CA PHE A 410 -1.54 -1.67 2.43
C PHE A 410 -1.24 -0.60 3.48
N LEU A 411 -0.57 0.48 3.08
CA LEU A 411 -0.20 1.51 4.03
C LEU A 411 -1.42 2.23 4.58
N SER A 412 -2.44 2.42 3.74
CA SER A 412 -3.65 3.05 4.25
C SER A 412 -4.35 2.13 5.27
N GLN A 413 -4.33 0.83 5.00
CA GLN A 413 -4.89 -0.11 5.97
C GLN A 413 -4.11 -0.11 7.27
N VAL A 414 -2.77 -0.03 7.20
CA VAL A 414 -1.97 0.04 8.43
C VAL A 414 -2.32 1.29 9.21
N LEU A 415 -2.36 2.44 8.54
CA LEU A 415 -2.70 3.70 9.21
C LEU A 415 -4.06 3.64 9.87
N GLN A 416 -5.05 3.05 9.17
CA GLN A 416 -6.36 2.86 9.80
C GLN A 416 -6.24 1.99 11.05
N ALA A 417 -5.48 0.88 10.97
CA ALA A 417 -5.36 0.01 12.13
C ALA A 417 -4.75 0.74 13.31
N ILE A 418 -3.75 1.57 13.06
CA ILE A 418 -3.15 2.35 14.14
C ILE A 418 -4.15 3.36 14.71
N ARG A 419 -4.78 4.15 13.84
CA ARG A 419 -5.54 5.32 14.30
C ARG A 419 -6.95 4.96 14.75
N LEU A 420 -7.65 4.11 14.01
CA LEU A 420 -9.02 3.75 14.36
C LEU A 420 -9.09 2.56 15.30
N ASP A 421 -8.25 1.55 15.11
CA ASP A 421 -8.36 0.33 15.90
C ASP A 421 -7.36 0.28 17.05
N GLU A 422 -6.47 1.27 17.14
CA GLU A 422 -5.48 1.34 18.21
C GLU A 422 -4.60 0.09 18.26
N ILE A 423 -4.29 -0.44 17.10
CA ILE A 423 -3.34 -1.53 17.03
C ILE A 423 -1.93 -0.96 17.11
N ARG A 424 -1.08 -1.60 17.91
CA ARG A 424 0.23 -1.05 18.22
C ARG A 424 1.28 -1.47 17.19
N VAL A 425 1.01 -1.13 15.93
CA VAL A 425 2.02 -1.30 14.89
C VAL A 425 3.09 -0.24 15.09
N PHE A 426 4.36 -0.66 15.21
CA PHE A 426 5.43 0.31 15.44
C PHE A 426 6.43 0.39 14.28
N GLY A 427 6.28 -0.43 13.24
CA GLY A 427 7.23 -0.36 12.13
C GLY A 427 6.73 -1.16 10.94
N TYR A 428 7.37 -0.93 9.80
CA TYR A 428 6.87 -1.45 8.53
C TYR A 428 8.06 -1.82 7.66
N THR A 429 8.10 -3.06 7.20
CA THR A 429 9.13 -3.56 6.31
C THR A 429 8.57 -3.70 4.90
N ALA A 430 8.95 -2.79 4.01
CA ALA A 430 8.65 -2.99 2.61
C ALA A 430 9.43 -4.18 2.07
N TRP A 431 8.84 -4.95 1.18
CA TRP A 431 9.53 -6.11 0.64
C TRP A 431 9.41 -6.10 -0.88
N SER A 432 10.51 -6.26 -1.61
CA SER A 432 11.86 -6.41 -1.07
C SER A 432 12.75 -5.31 -1.64
N LEU A 433 13.98 -5.19 -1.11
CA LEU A 433 14.89 -4.16 -1.57
C LEU A 433 15.13 -4.24 -3.07
N LEU A 434 15.41 -5.44 -3.57
CA LEU A 434 15.77 -5.57 -4.98
C LEU A 434 15.25 -6.88 -5.53
N ASP A 435 15.09 -6.92 -6.86
CA ASP A 435 14.62 -8.11 -7.52
C ASP A 435 15.61 -9.24 -7.26
N GLY A 436 15.08 -10.42 -6.98
CA GLY A 436 15.94 -11.58 -6.77
C GLY A 436 15.29 -12.87 -7.22
N PHE A 437 15.80 -13.99 -6.72
CA PHE A 437 15.24 -15.30 -6.99
C PHE A 437 14.03 -15.53 -6.09
N GLU A 438 12.85 -15.73 -6.66
CA GLU A 438 11.64 -15.81 -5.84
C GLU A 438 11.16 -17.27 -5.70
N TRP A 439 12.06 -18.12 -5.19
CA TRP A 439 11.69 -19.48 -4.79
C TRP A 439 11.21 -20.30 -5.98
N GLN A 440 10.07 -21.01 -5.86
CA GLN A 440 9.63 -21.83 -6.98
C GLN A 440 9.31 -20.98 -8.21
N ASP A 441 8.94 -19.71 -8.01
CA ASP A 441 8.69 -18.79 -9.13
C ASP A 441 9.96 -18.29 -9.79
N ALA A 442 11.14 -18.56 -9.21
CA ALA A 442 12.44 -18.22 -9.79
C ALA A 442 12.51 -16.75 -10.20
N TYR A 443 12.61 -16.49 -11.51
CA TYR A 443 12.71 -15.12 -12.00
C TYR A 443 11.53 -14.75 -12.89
N THR A 444 10.40 -15.43 -12.76
CA THR A 444 9.23 -15.05 -13.54
C THR A 444 8.42 -13.92 -12.89
N ILE A 445 8.69 -13.57 -11.63
CA ILE A 445 8.05 -12.43 -10.98
C ILE A 445 9.13 -11.54 -10.37
N ARG A 446 8.76 -10.30 -10.09
CA ARG A 446 9.65 -9.33 -9.47
C ARG A 446 8.98 -8.72 -8.24
N ARG A 447 9.74 -8.63 -7.15
CA ARG A 447 9.23 -8.05 -5.90
C ARG A 447 10.08 -6.89 -5.39
N GLY A 448 11.14 -6.52 -6.10
CA GLY A 448 12.04 -5.49 -5.60
C GLY A 448 11.48 -4.09 -5.76
N LEU A 449 11.88 -3.21 -4.85
CA LEU A 449 11.72 -1.79 -5.11
C LEU A 449 12.77 -1.28 -6.08
N PHE A 450 13.86 -2.02 -6.27
CA PHE A 450 14.89 -1.68 -7.25
C PHE A 450 14.94 -2.74 -8.33
N TYR A 451 14.91 -2.31 -9.59
CA TYR A 451 14.98 -3.21 -10.72
C TYR A 451 16.41 -3.70 -10.93
N VAL A 452 16.56 -4.97 -11.27
CA VAL A 452 17.86 -5.57 -11.57
C VAL A 452 17.72 -6.33 -12.88
N ASP A 453 18.53 -5.97 -13.87
CA ASP A 453 18.57 -6.69 -15.14
C ASP A 453 19.48 -7.90 -14.96
N PHE A 454 18.91 -9.11 -14.90
CA PHE A 454 19.73 -10.26 -14.57
C PHE A 454 20.62 -10.70 -15.73
N ASN A 455 20.45 -10.15 -16.93
CA ASN A 455 21.33 -10.48 -18.06
C ASN A 455 22.50 -9.52 -18.22
N SER A 456 22.65 -8.51 -17.36
CA SER A 456 23.79 -7.61 -17.43
C SER A 456 24.83 -7.99 -16.39
N LYS A 457 26.11 -7.75 -16.72
CA LYS A 457 27.17 -8.09 -15.77
C LYS A 457 27.12 -7.20 -14.54
N GLN A 458 26.72 -5.94 -14.71
CA GLN A 458 26.82 -4.95 -13.64
C GLN A 458 25.69 -5.07 -12.61
N LYS A 459 24.57 -5.69 -12.97
CA LYS A 459 23.39 -5.84 -12.09
C LYS A 459 23.09 -4.54 -11.34
N GLU A 460 23.07 -3.43 -12.07
CA GLU A 460 22.81 -2.15 -11.42
C GLU A 460 21.40 -2.12 -10.86
N ARG A 461 21.27 -1.59 -9.65
CA ARG A 461 19.99 -1.44 -8.99
C ARG A 461 19.37 -0.13 -9.44
N LYS A 462 18.30 -0.21 -10.25
CA LYS A 462 17.67 0.98 -10.79
C LYS A 462 16.37 1.23 -10.03
N PRO A 463 16.20 2.39 -9.38
CA PRO A 463 14.98 2.61 -8.59
C PRO A 463 13.75 2.54 -9.48
N LYS A 464 12.79 1.71 -9.07
CA LYS A 464 11.48 1.67 -9.70
C LYS A 464 10.61 2.82 -9.18
N SER A 465 9.43 2.97 -9.78
CA SER A 465 8.43 3.92 -9.28
C SER A 465 8.15 3.72 -7.81
N SER A 466 8.00 2.47 -7.38
CA SER A 466 7.72 2.18 -5.97
C SER A 466 8.86 2.64 -5.06
N ALA A 467 10.09 2.63 -5.55
CA ALA A 467 11.20 3.13 -4.74
C ALA A 467 11.08 4.63 -4.53
N HIS A 468 10.79 5.39 -5.60
CA HIS A 468 10.56 6.82 -5.44
C HIS A 468 9.39 7.09 -4.51
N TYR A 469 8.30 6.35 -4.69
CA TYR A 469 7.12 6.57 -3.85
C TYR A 469 7.43 6.28 -2.39
N TYR A 470 8.07 5.15 -2.11
CA TYR A 470 8.37 4.79 -0.72
C TYR A 470 9.36 5.77 -0.10
N LYS A 471 10.33 6.21 -0.89
CA LYS A 471 11.25 7.25 -0.43
C LYS A 471 10.48 8.47 0.07
N GLN A 472 9.43 8.89 -0.66
CA GLN A 472 8.67 10.06 -0.24
C GLN A 472 7.79 9.75 0.99
N ILE A 473 7.25 8.54 1.08
CA ILE A 473 6.52 8.10 2.28
C ILE A 473 7.39 8.31 3.53
N ILE A 474 8.64 7.87 3.47
CA ILE A 474 9.53 7.98 4.62
C ILE A 474 9.82 9.44 4.95
N ARG A 475 10.11 10.25 3.92
CA ARG A 475 10.39 11.67 4.15
C ARG A 475 9.23 12.37 4.85
N GLU A 476 8.00 12.06 4.46
CA GLU A 476 6.87 12.74 5.06
C GLU A 476 6.26 11.94 6.21
N ASN A 477 6.85 10.79 6.56
CA ASN A 477 6.34 9.91 7.61
C ASN A 477 4.88 9.54 7.35
N GLY A 478 4.54 9.33 6.09
CA GLY A 478 3.17 9.10 5.72
C GLY A 478 2.91 9.63 4.32
N PHE A 479 1.64 9.86 4.04
CA PHE A 479 1.22 10.27 2.71
C PHE A 479 1.53 11.75 2.47
N SER A 480 1.86 12.06 1.22
CA SER A 480 2.46 13.35 0.89
C SER A 480 1.49 14.49 1.16
N LEU A 481 2.00 15.54 1.78
CA LEU A 481 1.30 16.81 1.92
C LEU A 481 1.82 17.85 0.94
N LYS A 482 2.70 17.46 0.01
CA LYS A 482 3.43 18.42 -0.81
C LYS A 482 2.51 19.46 -1.45
N GLU A 483 1.36 19.04 -1.96
CA GLU A 483 0.44 19.96 -2.63
C GLU A 483 -0.47 20.71 -1.66
N SER A 484 -0.40 20.44 -0.36
CA SER A 484 -1.19 21.17 0.62
C SER A 484 -0.39 22.32 1.20
N THR A 485 -1.04 23.47 1.33
CA THR A 485 -0.48 24.68 1.92
C THR A 485 -1.32 25.06 3.13
N PRO A 486 -0.81 25.91 4.02
CA PRO A 486 -1.60 26.32 5.18
C PRO A 486 -2.80 27.16 4.78
N ASP A 487 -3.76 27.22 5.69
CA ASP A 487 -4.88 28.15 5.52
C ASP A 487 -4.38 29.58 5.41
N VAL A 488 -5.01 30.34 4.54
CA VAL A 488 -4.69 31.75 4.37
C VAL A 488 -5.76 32.56 5.07
N GLN A 489 -5.42 33.80 5.43
CA GLN A 489 -6.36 34.71 6.05
C GLN A 489 -6.73 35.81 5.06
N GLY A 490 -8.02 36.12 4.96
CA GLY A 490 -8.42 37.16 4.04
C GLY A 490 -9.88 37.03 3.62
N GLN A 491 -10.21 37.81 2.60
CA GLN A 491 -11.60 38.00 2.23
C GLN A 491 -11.73 38.13 0.73
N PHE A 492 -12.85 37.62 0.21
CA PHE A 492 -13.23 37.83 -1.17
C PHE A 492 -13.75 39.27 -1.34
N PRO A 493 -13.78 39.79 -2.59
CA PRO A 493 -14.34 41.13 -2.82
C PRO A 493 -15.75 41.27 -2.27
N CYS A 494 -16.19 42.51 -2.05
CA CYS A 494 -17.54 42.74 -1.52
C CYS A 494 -18.60 42.34 -2.53
N ASP A 495 -18.27 42.36 -3.82
CA ASP A 495 -19.19 41.99 -4.90
C ASP A 495 -18.94 40.58 -5.44
N PHE A 496 -18.30 39.73 -4.66
CA PHE A 496 -18.16 38.32 -5.04
C PHE A 496 -19.54 37.68 -5.06
N SER A 497 -19.81 36.86 -6.09
CA SER A 497 -21.13 36.22 -6.19
C SER A 497 -21.14 34.94 -5.38
N TRP A 498 -21.98 34.88 -4.35
CA TRP A 498 -22.17 33.67 -3.56
C TRP A 498 -23.45 32.99 -4.03
N GLY A 499 -23.31 31.78 -4.57
CA GLY A 499 -24.38 31.16 -5.29
C GLY A 499 -24.71 29.77 -4.76
N VAL A 500 -25.89 29.30 -5.16
CA VAL A 500 -26.28 27.92 -4.99
C VAL A 500 -26.94 27.51 -6.31
N THR A 501 -26.77 26.24 -6.67
CA THR A 501 -27.16 25.74 -7.97
C THR A 501 -28.28 24.72 -7.85
N GLU A 502 -29.18 24.75 -8.81
CA GLU A 502 -30.17 23.71 -9.01
C GLU A 502 -30.06 23.33 -10.49
N SER A 503 -30.66 22.22 -10.88
CA SER A 503 -30.65 21.79 -12.26
C SER A 503 -32.02 22.12 -12.88
N VAL A 504 -32.66 21.25 -13.64
CA VAL A 504 -33.84 21.62 -14.40
C VAL A 504 -35.04 21.72 -13.46
N LEU A 505 -35.72 22.87 -13.49
CA LEU A 505 -36.94 23.08 -12.73
C LEU A 505 -38.12 22.83 -13.64
N LYS A 506 -38.96 21.89 -13.28
CA LYS A 506 -40.15 21.62 -14.06
C LYS A 506 -41.22 22.65 -13.73
N PRO A 507 -41.85 23.26 -14.72
CA PRO A 507 -42.94 24.19 -14.42
C PRO A 507 -44.15 23.44 -13.89
N GLU A 508 -44.98 24.16 -13.13
CA GLU A 508 -46.07 23.55 -12.37
C GLU A 508 -47.43 23.74 -13.05
N GLN A 546 -51.32 35.12 -9.78
CA GLN A 546 -50.32 35.27 -8.72
C GLN A 546 -49.14 34.29 -8.88
N CYS A 547 -47.96 34.70 -8.40
CA CYS A 547 -46.80 33.81 -8.41
C CYS A 547 -46.89 32.75 -7.32
N THR A 548 -47.50 33.10 -6.18
CA THR A 548 -47.66 32.17 -5.06
C THR A 548 -48.52 30.96 -5.42
N ASP A 549 -49.20 30.98 -6.57
CA ASP A 549 -49.97 29.82 -7.02
C ASP A 549 -49.10 28.56 -7.03
N PHE A 550 -47.93 28.65 -7.67
CA PHE A 550 -47.07 27.48 -7.86
C PHE A 550 -46.48 27.01 -6.54
N VAL A 551 -46.80 25.77 -6.14
CA VAL A 551 -46.35 25.25 -4.85
C VAL A 551 -44.85 24.98 -4.86
N ASN A 552 -44.29 24.60 -6.01
CA ASN A 552 -42.84 24.44 -6.11
C ASN A 552 -42.11 25.71 -5.72
N ILE A 553 -42.68 26.86 -6.04
CA ILE A 553 -41.97 28.11 -5.80
C ILE A 553 -41.89 28.39 -4.31
N LYS A 554 -42.99 28.17 -3.58
CA LYS A 554 -43.00 28.39 -2.14
C LYS A 554 -41.84 27.67 -1.46
N LYS A 555 -41.66 26.38 -1.75
CA LYS A 555 -40.62 25.61 -1.06
C LYS A 555 -39.24 26.04 -1.51
N GLN A 556 -39.06 26.43 -2.77
CA GLN A 556 -37.78 27.00 -3.17
C GLN A 556 -37.45 28.25 -2.37
N LEU A 557 -38.43 29.15 -2.22
CA LEU A 557 -38.21 30.38 -1.46
C LEU A 557 -37.90 30.08 0.01
N GLU A 558 -38.59 29.10 0.60
CA GLU A 558 -38.28 28.74 1.99
C GLU A 558 -36.85 28.26 2.15
N MET A 559 -36.34 27.51 1.16
CA MET A 559 -34.94 27.07 1.20
C MET A 559 -33.97 28.22 0.98
N LEU A 560 -34.21 29.06 -0.02
CA LEU A 560 -33.28 30.15 -0.27
C LEU A 560 -33.26 31.13 0.89
N ALA A 561 -34.41 31.33 1.54
CA ALA A 561 -34.49 32.25 2.68
C ALA A 561 -33.67 31.77 3.87
N ARG A 562 -33.31 30.49 3.93
CA ARG A 562 -32.43 29.97 4.98
C ARG A 562 -30.95 30.11 4.64
N MET A 563 -30.62 30.54 3.42
CA MET A 563 -29.24 30.71 3.01
C MET A 563 -28.93 32.17 2.73
N LYS A 564 -27.66 32.52 2.80
CA LYS A 564 -27.23 33.90 2.57
C LYS A 564 -26.62 34.12 1.19
N VAL A 565 -26.96 33.27 0.22
CA VAL A 565 -26.46 33.46 -1.14
C VAL A 565 -26.98 34.78 -1.73
N THR A 566 -26.22 35.34 -2.67
CA THR A 566 -26.71 36.45 -3.47
C THR A 566 -27.23 36.02 -4.83
N HIS A 567 -26.95 34.77 -5.25
CA HIS A 567 -27.26 34.31 -6.59
C HIS A 567 -27.80 32.89 -6.53
N TYR A 568 -28.69 32.58 -7.48
CA TYR A 568 -29.35 31.29 -7.59
C TYR A 568 -29.26 30.85 -9.04
N ARG A 569 -28.68 29.68 -9.27
CA ARG A 569 -28.54 29.14 -10.61
C ARG A 569 -29.54 28.01 -10.80
N PHE A 570 -30.34 28.09 -11.87
CA PHE A 570 -31.26 27.00 -12.21
C PHE A 570 -31.39 26.90 -13.73
N ALA A 571 -31.93 25.77 -14.19
CA ALA A 571 -32.03 25.49 -15.61
C ALA A 571 -33.48 25.41 -16.06
N LEU A 572 -33.76 25.95 -17.25
CA LEU A 572 -35.07 25.78 -17.86
C LEU A 572 -35.17 24.41 -18.56
N ASP A 573 -36.40 24.00 -18.85
CA ASP A 573 -36.65 22.80 -19.65
C ASP A 573 -37.11 23.25 -21.04
N TRP A 574 -36.23 23.10 -22.03
CA TRP A 574 -36.51 23.54 -23.40
C TRP A 574 -37.81 22.93 -23.91
N ALA A 575 -38.04 21.64 -23.65
CA ALA A 575 -39.25 20.99 -24.14
C ALA A 575 -40.50 21.52 -23.45
N SER A 576 -40.41 21.95 -22.19
CA SER A 576 -41.58 22.56 -21.57
C SER A 576 -41.90 23.91 -22.20
N VAL A 577 -40.87 24.69 -22.53
CA VAL A 577 -41.10 26.03 -23.07
C VAL A 577 -41.57 25.93 -24.52
N LEU A 578 -40.95 25.06 -25.32
CA LEU A 578 -41.24 24.92 -26.75
C LEU A 578 -41.53 23.46 -27.09
N PRO A 579 -42.75 22.99 -26.80
CA PRO A 579 -43.04 21.55 -27.00
C PRO A 579 -42.80 21.05 -28.41
N THR A 580 -43.08 21.85 -29.44
CA THR A 580 -42.80 21.46 -30.82
C THR A 580 -41.46 21.96 -31.33
N GLY A 581 -40.72 22.74 -30.54
CA GLY A 581 -39.52 23.39 -31.01
C GLY A 581 -39.75 24.68 -31.77
N GLN A 582 -41.00 25.00 -32.12
CA GLN A 582 -41.32 26.19 -32.90
C GLN A 582 -41.83 27.30 -32.00
N LEU A 583 -41.44 28.53 -32.32
CA LEU A 583 -41.81 29.65 -31.46
C LEU A 583 -43.29 29.97 -31.55
N SER A 584 -43.93 29.67 -32.69
CA SER A 584 -45.37 29.92 -32.81
C SER A 584 -46.20 29.10 -31.83
N ALA A 585 -45.62 28.08 -31.19
CA ALA A 585 -46.32 27.22 -30.25
C ALA A 585 -45.69 27.30 -28.85
N VAL A 586 -45.24 28.49 -28.45
CA VAL A 586 -44.66 28.68 -27.14
C VAL A 586 -45.68 28.32 -26.06
N ASN A 587 -45.22 27.67 -24.99
CA ASN A 587 -46.08 27.42 -23.84
C ASN A 587 -45.88 28.59 -22.88
N ARG A 588 -46.81 29.54 -22.90
CA ARG A 588 -46.63 30.76 -22.14
C ARG A 588 -46.80 30.55 -20.64
N GLN A 589 -47.52 29.50 -20.23
CA GLN A 589 -47.58 29.14 -18.82
C GLN A 589 -46.20 28.78 -18.28
N ALA A 590 -45.41 28.03 -19.06
CA ALA A 590 -44.06 27.67 -18.64
C ALA A 590 -43.21 28.92 -18.47
N LEU A 591 -43.28 29.85 -19.42
CA LEU A 591 -42.51 31.09 -19.28
C LEU A 591 -42.97 31.88 -18.05
N ARG A 592 -44.28 31.88 -17.75
CA ARG A 592 -44.74 32.58 -16.56
C ARG A 592 -44.17 31.93 -15.28
N TYR A 593 -44.09 30.60 -15.26
CA TYR A 593 -43.51 29.94 -14.09
C TYR A 593 -42.05 30.38 -13.88
N TYR A 594 -41.25 30.36 -14.95
CA TYR A 594 -39.84 30.70 -14.78
C TYR A 594 -39.66 32.16 -14.42
N ARG A 595 -40.50 33.02 -14.98
CA ARG A 595 -40.44 34.43 -14.61
C ARG A 595 -40.81 34.64 -13.14
N CYS A 596 -41.77 33.86 -12.63
CA CYS A 596 -42.08 33.90 -11.20
C CYS A 596 -40.90 33.44 -10.34
N VAL A 597 -40.19 32.37 -10.74
CA VAL A 597 -39.00 31.95 -9.96
C VAL A 597 -38.05 33.13 -9.81
N VAL A 598 -37.79 33.83 -10.92
CA VAL A 598 -36.82 34.91 -10.92
C VAL A 598 -37.33 36.09 -10.10
N SER A 599 -38.58 36.50 -10.34
CA SER A 599 -39.07 37.69 -9.65
C SER A 599 -39.27 37.42 -8.16
N GLU A 600 -39.71 36.23 -7.79
CA GLU A 600 -39.78 35.93 -6.36
C GLU A 600 -38.39 35.89 -5.74
N GLY A 601 -37.40 35.37 -6.48
CA GLY A 601 -36.03 35.39 -5.99
C GLY A 601 -35.52 36.79 -5.75
N LEU A 602 -35.79 37.71 -6.69
CA LEU A 602 -35.38 39.10 -6.53
C LEU A 602 -36.00 39.76 -5.30
N LYS A 603 -37.23 39.38 -4.93
CA LYS A 603 -37.80 39.91 -3.69
C LYS A 603 -36.99 39.49 -2.47
N LEU A 604 -36.31 38.35 -2.54
CA LEU A 604 -35.40 37.98 -1.47
C LEU A 604 -34.04 38.62 -1.60
N GLY A 605 -33.81 39.40 -2.63
CA GLY A 605 -32.49 39.96 -2.85
C GLY A 605 -31.54 39.00 -3.54
N ILE A 606 -32.07 38.06 -4.31
CA ILE A 606 -31.24 37.03 -4.95
C ILE A 606 -31.43 37.14 -6.46
N SER A 607 -30.31 37.28 -7.18
CA SER A 607 -30.30 37.37 -8.63
C SER A 607 -30.20 35.99 -9.26
N ALA A 608 -30.75 35.86 -10.46
CA ALA A 608 -30.80 34.57 -11.14
C ALA A 608 -29.68 34.45 -12.17
N MET A 609 -29.02 33.30 -12.18
CA MET A 609 -28.25 32.84 -13.33
C MET A 609 -29.01 31.67 -13.96
N VAL A 610 -29.44 31.85 -15.21
CA VAL A 610 -30.39 30.92 -15.83
C VAL A 610 -29.67 30.09 -16.90
N THR A 611 -29.76 28.77 -16.77
CA THR A 611 -29.20 27.86 -17.77
C THR A 611 -30.28 27.49 -18.77
N LEU A 612 -30.01 27.70 -20.06
CA LEU A 612 -31.03 27.46 -21.08
C LEU A 612 -31.21 25.96 -21.34
N TYR A 613 -30.12 25.20 -21.31
CA TYR A 613 -30.19 23.82 -21.76
C TYR A 613 -29.25 23.01 -20.89
N TYR A 614 -29.81 22.02 -20.21
CA TYR A 614 -29.10 21.24 -19.18
C TYR A 614 -29.30 19.77 -19.52
N PRO A 615 -28.56 19.25 -20.50
CA PRO A 615 -28.70 17.84 -20.87
C PRO A 615 -28.13 16.91 -19.81
N THR A 616 -28.79 15.76 -19.65
CA THR A 616 -28.29 14.68 -18.79
C THR A 616 -28.47 13.36 -19.52
N HIS A 617 -27.77 12.33 -19.02
CA HIS A 617 -27.93 10.99 -19.59
C HIS A 617 -29.37 10.49 -19.48
N ALA A 618 -30.07 10.84 -18.41
CA ALA A 618 -31.46 10.43 -18.23
C ALA A 618 -32.45 11.34 -18.96
N HIS A 619 -32.14 12.62 -19.16
CA HIS A 619 -33.08 13.56 -19.77
C HIS A 619 -32.30 14.39 -20.79
N LEU A 620 -32.39 14.01 -22.07
CA LEU A 620 -31.70 14.75 -23.12
C LEU A 620 -32.22 16.17 -23.25
N GLY A 621 -33.50 16.38 -22.96
CA GLY A 621 -34.07 17.70 -22.89
C GLY A 621 -34.45 18.32 -24.22
N LEU A 622 -34.34 17.60 -25.32
CA LEU A 622 -34.75 18.18 -26.59
C LEU A 622 -36.27 18.08 -26.75
N PRO A 623 -36.90 19.09 -27.36
CA PRO A 623 -38.29 18.92 -27.80
C PRO A 623 -38.39 17.75 -28.79
N GLU A 624 -39.45 16.95 -28.65
CA GLU A 624 -39.55 15.69 -29.37
C GLU A 624 -39.33 15.82 -30.88
N PRO A 625 -39.95 16.78 -31.59
CA PRO A 625 -39.67 16.90 -33.04
C PRO A 625 -38.20 17.16 -33.40
N LEU A 626 -37.41 17.79 -32.52
CA LEU A 626 -35.98 17.92 -32.82
C LEU A 626 -35.25 16.61 -32.57
N LEU A 627 -35.66 15.90 -31.52
CA LEU A 627 -35.07 14.60 -31.19
C LEU A 627 -35.22 13.62 -32.34
N HIS A 628 -36.41 13.55 -32.93
CA HIS A 628 -36.66 12.59 -33.99
C HIS A 628 -36.07 13.01 -35.33
N ALA A 629 -35.65 14.27 -35.46
CA ALA A 629 -34.89 14.71 -36.61
C ALA A 629 -33.38 14.57 -36.39
N ASP A 630 -32.96 13.59 -35.60
CA ASP A 630 -31.56 13.20 -35.34
C ASP A 630 -30.87 14.07 -34.28
N GLY A 631 -31.58 14.90 -33.55
CA GLY A 631 -31.01 15.55 -32.38
C GLY A 631 -29.81 16.42 -32.70
N TRP A 632 -28.76 16.29 -31.88
CA TRP A 632 -27.57 17.12 -32.04
C TRP A 632 -26.68 16.68 -33.19
N LEU A 633 -27.05 15.64 -33.93
CA LEU A 633 -26.35 15.33 -35.17
C LEU A 633 -26.93 16.08 -36.36
N ASN A 634 -28.02 16.82 -36.17
CA ASN A 634 -28.64 17.61 -37.22
C ASN A 634 -28.34 19.08 -36.98
N PRO A 635 -27.62 19.76 -37.89
CA PRO A 635 -27.31 21.18 -37.66
C PRO A 635 -28.53 22.07 -37.47
N SER A 636 -29.71 21.66 -37.96
CA SER A 636 -30.94 22.41 -37.72
C SER A 636 -31.25 22.51 -36.24
N THR A 637 -30.78 21.56 -35.43
CA THR A 637 -31.01 21.64 -33.99
C THR A 637 -30.36 22.89 -33.41
N ALA A 638 -29.22 23.31 -33.96
CA ALA A 638 -28.58 24.53 -33.48
C ALA A 638 -29.40 25.77 -33.85
N GLU A 639 -30.02 25.78 -35.04
CA GLU A 639 -30.87 26.93 -35.38
C GLU A 639 -32.10 26.99 -34.48
N ALA A 640 -32.66 25.83 -34.13
CA ALA A 640 -33.81 25.86 -33.24
C ALA A 640 -33.40 26.31 -31.85
N PHE A 641 -32.17 26.02 -31.44
CA PHE A 641 -31.70 26.49 -30.14
C PHE A 641 -31.50 28.00 -30.14
N GLN A 642 -31.02 28.55 -31.26
CA GLN A 642 -30.89 30.00 -31.35
C GLN A 642 -32.24 30.67 -31.17
N ALA A 643 -33.30 30.09 -31.76
CA ALA A 643 -34.63 30.68 -31.63
C ALA A 643 -35.15 30.54 -30.21
N TYR A 644 -34.94 29.39 -29.58
CA TYR A 644 -35.29 29.21 -28.17
C TYR A 644 -34.57 30.23 -27.28
N ALA A 645 -33.28 30.44 -27.53
CA ALA A 645 -32.52 31.37 -26.69
C ALA A 645 -33.09 32.77 -26.80
N GLY A 646 -33.39 33.20 -28.03
CA GLY A 646 -33.95 34.53 -28.22
C GLY A 646 -35.25 34.73 -27.49
N LEU A 647 -36.10 33.70 -27.46
CA LEU A 647 -37.36 33.80 -26.72
C LEU A 647 -37.12 33.98 -25.23
N CYS A 648 -36.15 33.25 -24.67
CA CYS A 648 -35.86 33.40 -23.25
C CYS A 648 -35.27 34.78 -22.95
N PHE A 649 -34.34 35.27 -23.79
CA PHE A 649 -33.82 36.62 -23.62
C PHE A 649 -34.96 37.64 -23.64
N GLN A 650 -35.87 37.50 -24.60
CA GLN A 650 -36.99 38.42 -24.69
C GLN A 650 -37.88 38.34 -23.47
N GLU A 651 -38.17 37.13 -22.98
CA GLU A 651 -39.20 37.00 -21.96
C GLU A 651 -38.66 37.13 -20.53
N LEU A 652 -37.37 36.92 -20.31
CA LEU A 652 -36.80 36.96 -18.97
C LEU A 652 -35.66 37.97 -18.81
N GLY A 653 -35.09 38.48 -19.90
CA GLY A 653 -33.84 39.21 -19.88
C GLY A 653 -33.90 40.59 -19.25
N ASP A 654 -35.09 41.16 -19.06
CA ASP A 654 -35.17 42.38 -18.25
C ASP A 654 -34.82 42.08 -16.79
N LEU A 655 -35.07 40.85 -16.33
CA LEU A 655 -34.79 40.46 -14.96
C LEU A 655 -33.51 39.64 -14.82
N VAL A 656 -33.19 38.82 -15.80
CA VAL A 656 -32.06 37.90 -15.76
C VAL A 656 -30.89 38.54 -16.48
N LYS A 657 -29.77 38.70 -15.77
CA LYS A 657 -28.58 39.33 -16.33
C LYS A 657 -27.43 38.37 -16.49
N LEU A 658 -27.57 37.10 -16.09
CA LEU A 658 -26.51 36.12 -16.26
C LEU A 658 -27.08 34.88 -16.90
N TRP A 659 -26.47 34.43 -17.99
CA TRP A 659 -27.01 33.35 -18.78
C TRP A 659 -25.92 32.31 -19.02
N ILE A 660 -26.30 31.03 -18.87
CA ILE A 660 -25.53 29.90 -19.34
C ILE A 660 -26.32 29.28 -20.48
N THR A 661 -25.74 29.25 -21.68
CA THR A 661 -26.46 28.63 -22.80
C THR A 661 -26.63 27.13 -22.58
N ILE A 662 -25.51 26.44 -22.32
CA ILE A 662 -25.48 24.98 -22.26
C ILE A 662 -24.65 24.55 -21.06
N ASN A 663 -25.20 23.67 -20.23
CA ASN A 663 -24.47 23.10 -19.11
C ASN A 663 -23.68 21.87 -19.56
N GLU A 664 -22.36 21.94 -19.44
CA GLU A 664 -21.48 20.79 -19.65
C GLU A 664 -21.76 20.09 -20.99
N PRO A 665 -21.64 20.81 -22.11
CA PRO A 665 -21.75 20.13 -23.40
C PRO A 665 -20.61 19.16 -23.63
N ASN A 666 -19.47 19.35 -22.93
CA ASN A 666 -18.29 18.51 -23.04
C ASN A 666 -18.33 17.27 -22.14
N ARG A 667 -19.41 17.07 -21.39
CA ARG A 667 -19.65 15.80 -20.71
C ARG A 667 -20.97 15.21 -21.18
N LEU A 668 -21.39 15.58 -22.38
CA LEU A 668 -22.50 14.96 -23.06
C LEU A 668 -22.02 14.09 -24.21
N SER A 669 -20.81 13.54 -24.08
CA SER A 669 -20.30 12.51 -24.97
C SER A 669 -20.73 11.12 -24.55
N ASP A 670 -21.62 11.03 -23.56
CA ASP A 670 -22.21 9.76 -23.14
C ASP A 670 -23.55 9.49 -23.80
N ILE A 671 -24.03 10.40 -24.67
CA ILE A 671 -25.30 10.24 -25.36
C ILE A 671 -25.10 9.85 -26.83
N TYR A 672 -24.14 10.48 -27.50
CA TYR A 672 -23.78 10.11 -28.87
C TYR A 672 -22.49 9.29 -28.86
N ASN A 673 -22.57 8.17 -28.16
CA ASN A 673 -21.43 7.32 -27.83
C ASN A 673 -21.12 6.28 -28.91
N ARG A 674 -21.95 6.20 -29.96
CA ARG A 674 -21.74 5.27 -31.07
C ARG A 674 -20.28 5.26 -31.51
N SER A 675 -19.83 6.35 -32.12
CA SER A 675 -18.46 6.47 -32.60
C SER A 675 -17.89 7.81 -32.17
N GLY A 676 -16.57 7.92 -32.31
CA GLY A 676 -15.94 9.21 -32.11
C GLY A 676 -16.49 10.26 -33.05
N ASN A 677 -16.70 9.89 -34.32
CA ASN A 677 -17.25 10.83 -35.29
C ASN A 677 -18.60 11.38 -34.84
N ASP A 678 -19.44 10.54 -34.23
CA ASP A 678 -20.71 10.99 -33.69
C ASP A 678 -20.49 12.00 -32.57
N THR A 679 -19.64 11.64 -31.60
CA THR A 679 -19.35 12.53 -30.48
C THR A 679 -18.80 13.86 -30.97
N TYR A 680 -17.86 13.83 -31.91
CA TYR A 680 -17.28 15.09 -32.38
C TYR A 680 -18.28 15.88 -33.21
N GLY A 681 -19.16 15.18 -33.94
CA GLY A 681 -20.11 15.88 -34.78
C GLY A 681 -21.18 16.57 -33.95
N ALA A 682 -21.79 15.86 -33.00
CA ALA A 682 -22.78 16.46 -32.11
C ALA A 682 -22.18 17.64 -31.36
N ALA A 683 -20.96 17.49 -30.84
CA ALA A 683 -20.31 18.58 -30.13
C ALA A 683 -20.13 19.79 -31.04
N HIS A 684 -19.84 19.57 -32.32
CA HIS A 684 -19.70 20.69 -33.24
C HIS A 684 -21.00 21.47 -33.35
N ASN A 685 -22.14 20.76 -33.38
CA ASN A 685 -23.43 21.45 -33.48
C ASN A 685 -23.76 22.17 -32.18
N LEU A 686 -23.40 21.59 -31.03
CA LEU A 686 -23.56 22.27 -29.75
C LEU A 686 -22.75 23.56 -29.73
N LEU A 687 -21.50 23.49 -30.19
CA LEU A 687 -20.67 24.69 -30.29
C LEU A 687 -21.35 25.75 -31.14
N VAL A 688 -21.93 25.34 -32.28
CA VAL A 688 -22.61 26.31 -33.14
C VAL A 688 -23.84 26.85 -32.45
N ALA A 689 -24.61 26.00 -31.78
CA ALA A 689 -25.76 26.45 -31.01
C ALA A 689 -25.37 27.56 -30.05
N HIS A 690 -24.33 27.32 -29.25
CA HIS A 690 -23.92 28.32 -28.29
C HIS A 690 -23.57 29.63 -28.97
N ALA A 691 -22.78 29.55 -30.04
CA ALA A 691 -22.31 30.76 -30.71
C ALA A 691 -23.46 31.53 -31.36
N LEU A 692 -24.45 30.82 -31.90
CA LEU A 692 -25.60 31.52 -32.49
C LEU A 692 -26.38 32.27 -31.43
N ALA A 693 -26.69 31.60 -30.30
CA ALA A 693 -27.37 32.27 -29.20
C ALA A 693 -26.55 33.44 -28.67
N TRP A 694 -25.24 33.26 -28.56
CA TRP A 694 -24.42 34.34 -28.01
C TRP A 694 -24.45 35.55 -28.93
N ARG A 695 -24.38 35.34 -30.25
CA ARG A 695 -24.34 36.48 -31.17
C ARG A 695 -25.71 37.15 -31.28
N LEU A 696 -26.78 36.37 -31.23
CA LEU A 696 -28.12 36.96 -31.11
C LEU A 696 -28.20 37.86 -29.88
N TYR A 697 -27.78 37.36 -28.72
CA TYR A 697 -27.81 38.18 -27.51
C TYR A 697 -26.98 39.44 -27.70
N ASP A 698 -25.78 39.29 -28.22
CA ASP A 698 -24.84 40.40 -28.32
C ASP A 698 -25.35 41.46 -29.28
N ARG A 699 -26.05 41.05 -30.35
CA ARG A 699 -26.55 42.04 -31.29
C ARG A 699 -27.86 42.67 -30.81
N GLN A 700 -28.78 41.86 -30.30
CA GLN A 700 -30.16 42.27 -30.16
C GLN A 700 -30.61 42.51 -28.73
N PHE A 701 -30.00 41.87 -27.74
CA PHE A 701 -30.52 41.98 -26.38
C PHE A 701 -29.57 42.65 -25.41
N ARG A 702 -28.25 42.45 -25.55
CA ARG A 702 -27.29 43.16 -24.69
C ARG A 702 -27.48 44.66 -24.65
N PRO A 703 -27.67 45.37 -25.78
CA PRO A 703 -27.78 46.84 -25.68
C PRO A 703 -28.89 47.30 -24.74
N SER A 704 -30.07 46.65 -24.78
CA SER A 704 -31.14 47.05 -23.87
C SER A 704 -31.11 46.33 -22.53
N GLN A 705 -30.44 45.20 -22.42
CA GLN A 705 -30.49 44.43 -21.18
C GLN A 705 -29.17 44.44 -20.39
N ARG A 706 -28.03 44.53 -21.06
CA ARG A 706 -26.75 44.76 -20.39
C ARG A 706 -26.40 43.61 -19.43
N GLY A 707 -26.75 42.38 -19.80
CA GLY A 707 -26.35 41.19 -19.09
C GLY A 707 -25.15 40.52 -19.75
N ALA A 708 -24.95 39.24 -19.40
CA ALA A 708 -23.76 38.52 -19.85
C ALA A 708 -24.12 37.05 -20.06
N VAL A 709 -23.45 36.44 -21.06
CA VAL A 709 -23.78 35.09 -21.53
C VAL A 709 -22.48 34.27 -21.64
N SER A 710 -22.54 33.03 -21.17
CA SER A 710 -21.43 32.11 -21.39
C SER A 710 -22.00 30.69 -21.40
N LEU A 711 -21.13 29.70 -21.23
CA LEU A 711 -21.53 28.31 -21.07
C LEU A 711 -20.66 27.70 -19.98
N SER A 712 -21.16 26.63 -19.36
CA SER A 712 -20.49 25.97 -18.24
C SER A 712 -19.74 24.75 -18.77
N LEU A 713 -18.42 24.76 -18.61
CA LEU A 713 -17.59 23.64 -19.01
C LEU A 713 -17.36 22.73 -17.82
N HIS A 714 -17.61 21.44 -18.03
CA HIS A 714 -17.18 20.41 -17.10
C HIS A 714 -15.66 20.45 -17.00
N ALA A 715 -15.14 20.68 -15.78
CA ALA A 715 -13.72 20.99 -15.63
C ALA A 715 -13.14 20.33 -14.37
N ASP A 716 -13.21 19.02 -14.28
CA ASP A 716 -12.42 18.34 -13.26
C ASP A 716 -10.92 18.47 -13.58
N TRP A 717 -10.09 18.39 -12.53
CA TRP A 717 -8.64 18.44 -12.68
C TRP A 717 -8.09 17.02 -12.82
N ALA A 718 -6.85 16.92 -13.31
CA ALA A 718 -6.23 15.62 -13.51
C ALA A 718 -4.77 15.66 -13.07
N GLU A 719 -4.33 14.60 -12.40
CA GLU A 719 -2.95 14.40 -11.98
C GLU A 719 -2.52 13.02 -12.48
N PRO A 720 -1.21 12.79 -12.61
CA PRO A 720 -0.74 11.46 -12.99
C PRO A 720 -1.01 10.45 -11.87
N ALA A 721 -1.55 9.29 -12.25
CA ALA A 721 -1.68 8.20 -11.29
C ALA A 721 -0.33 7.83 -10.70
N ASN A 722 0.66 7.58 -11.55
CA ASN A 722 2.03 7.34 -11.12
C ASN A 722 2.84 8.59 -11.40
N PRO A 723 3.18 9.40 -10.39
CA PRO A 723 3.89 10.67 -10.64
C PRO A 723 5.35 10.46 -10.99
N TYR A 724 5.76 9.21 -11.16
CA TYR A 724 7.14 8.92 -11.53
C TYR A 724 7.23 8.32 -12.92
N ALA A 725 6.15 8.41 -13.69
CA ALA A 725 6.08 7.89 -15.05
C ALA A 725 5.77 9.04 -15.98
N ASP A 726 6.71 9.37 -16.88
CA ASP A 726 6.49 10.53 -17.73
C ASP A 726 5.25 10.38 -18.60
N SER A 727 4.88 9.14 -18.97
CA SER A 727 3.68 8.94 -19.77
C SER A 727 2.39 9.31 -19.03
N HIS A 728 2.43 9.36 -17.69
CA HIS A 728 1.24 9.74 -16.94
C HIS A 728 1.12 11.24 -16.77
N TRP A 729 2.25 11.96 -16.73
CA TRP A 729 2.16 13.41 -16.80
C TRP A 729 1.59 13.84 -18.14
N ARG A 730 2.00 13.18 -19.23
CA ARG A 730 1.42 13.51 -20.53
C ARG A 730 -0.07 13.17 -20.58
N ALA A 731 -0.48 12.06 -19.96
CA ALA A 731 -1.90 11.70 -19.98
C ALA A 731 -2.73 12.74 -19.22
N ALA A 732 -2.20 13.29 -18.13
CA ALA A 732 -2.93 14.30 -17.37
C ALA A 732 -3.17 15.55 -18.21
N GLU A 733 -2.15 16.00 -18.93
CA GLU A 733 -2.33 17.17 -19.81
C GLU A 733 -3.27 16.82 -20.96
N ARG A 734 -3.19 15.60 -21.47
CA ARG A 734 -4.10 15.22 -22.54
C ARG A 734 -5.55 15.14 -22.05
N PHE A 735 -5.77 14.75 -20.79
CA PHE A 735 -7.14 14.73 -20.26
C PHE A 735 -7.74 16.13 -20.30
N LEU A 736 -6.98 17.14 -19.86
CA LEU A 736 -7.48 18.50 -19.87
C LEU A 736 -7.74 19.00 -21.28
N GLN A 737 -6.93 18.54 -22.24
CA GLN A 737 -7.14 18.90 -23.64
C GLN A 737 -8.49 18.39 -24.14
N PHE A 738 -8.76 17.10 -23.93
CA PHE A 738 -10.01 16.49 -24.37
C PHE A 738 -11.20 16.94 -23.54
N GLU A 739 -10.98 17.38 -22.30
CA GLU A 739 -12.12 17.77 -21.46
C GLU A 739 -12.47 19.25 -21.62
N ILE A 740 -11.49 20.13 -21.47
CA ILE A 740 -11.73 21.56 -21.38
C ILE A 740 -11.40 22.29 -22.67
N ALA A 741 -10.19 22.08 -23.20
CA ALA A 741 -9.78 22.86 -24.36
C ALA A 741 -10.61 22.52 -25.58
N TRP A 742 -11.14 21.30 -25.65
CA TRP A 742 -12.06 20.89 -26.70
C TRP A 742 -13.09 21.95 -27.04
N PHE A 743 -13.73 22.53 -26.02
CA PHE A 743 -14.68 23.61 -26.21
C PHE A 743 -14.09 24.98 -25.90
N ALA A 744 -13.10 25.07 -25.02
CA ALA A 744 -12.59 26.37 -24.63
C ALA A 744 -11.73 27.00 -25.71
N GLU A 745 -10.95 26.20 -26.45
CA GLU A 745 -10.12 26.76 -27.50
C GLU A 745 -10.94 27.41 -28.61
N PRO A 746 -11.95 26.74 -29.20
CA PRO A 746 -12.76 27.43 -30.23
C PRO A 746 -13.48 28.66 -29.69
N LEU A 747 -14.17 28.56 -28.55
CA LEU A 747 -15.02 29.67 -28.08
C LEU A 747 -14.21 30.83 -27.52
N PHE A 748 -13.13 30.55 -26.78
CA PHE A 748 -12.38 31.58 -26.09
C PHE A 748 -11.30 32.23 -26.95
N LYS A 749 -10.61 31.46 -27.80
CA LYS A 749 -9.28 31.84 -28.25
C LYS A 749 -9.10 31.89 -29.78
N THR A 750 -9.33 30.76 -30.47
CA THR A 750 -8.96 30.62 -31.88
C THR A 750 -10.11 30.34 -32.83
N GLY A 751 -11.30 29.99 -32.33
CA GLY A 751 -12.34 29.54 -33.22
C GLY A 751 -12.18 28.15 -33.77
N ASP A 752 -11.10 27.44 -33.42
CA ASP A 752 -10.88 26.06 -33.88
C ASP A 752 -10.54 25.17 -32.69
N TYR A 753 -10.64 23.85 -32.93
CA TYR A 753 -10.32 22.85 -31.93
C TYR A 753 -8.86 22.96 -31.49
N PRO A 754 -8.55 22.49 -30.28
CA PRO A 754 -7.15 22.54 -29.83
C PRO A 754 -6.26 21.69 -30.71
N ALA A 755 -5.04 22.18 -30.93
CA ALA A 755 -4.08 21.47 -31.79
C ALA A 755 -3.72 20.11 -31.22
N ALA A 756 -3.46 20.03 -29.91
CA ALA A 756 -3.08 18.77 -29.30
C ALA A 756 -4.12 17.69 -29.55
N MET A 757 -5.40 18.04 -29.41
CA MET A 757 -6.47 17.06 -29.58
C MET A 757 -6.57 16.58 -31.03
N ARG A 758 -6.48 17.50 -31.99
CA ARG A 758 -6.58 17.09 -33.39
C ARG A 758 -5.36 16.29 -33.81
N GLU A 759 -4.15 16.75 -33.46
CA GLU A 759 -2.95 16.00 -33.76
C GLU A 759 -3.01 14.59 -33.16
N TYR A 760 -3.44 14.46 -31.91
CA TYR A 760 -3.46 13.15 -31.27
C TYR A 760 -4.43 12.21 -31.98
N ILE A 761 -5.61 12.70 -32.36
CA ILE A 761 -6.58 11.84 -33.04
C ILE A 761 -6.07 11.48 -34.43
N ALA A 762 -5.48 12.44 -35.14
CA ALA A 762 -4.93 12.18 -36.47
C ALA A 762 -3.88 11.08 -36.44
N SER A 763 -2.89 11.21 -35.54
CA SER A 763 -1.84 10.21 -35.38
C SER A 763 -2.41 8.81 -35.11
N LYS A 764 -3.34 8.70 -34.18
CA LYS A 764 -3.98 7.42 -33.93
C LYS A 764 -4.71 6.91 -35.16
N HIS A 765 -5.24 7.82 -35.97
CA HIS A 765 -5.86 7.43 -37.23
C HIS A 765 -4.79 7.06 -38.25
N ARG A 766 -3.70 7.83 -38.30
CA ARG A 766 -2.63 7.55 -39.26
C ARG A 766 -2.01 6.18 -39.04
N ARG A 767 -1.97 5.71 -37.80
CA ARG A 767 -1.39 4.41 -37.47
C ARG A 767 -2.45 3.32 -37.36
N GLY A 768 -3.59 3.49 -38.03
CA GLY A 768 -4.57 2.44 -38.19
C GLY A 768 -5.33 2.03 -36.96
N LEU A 769 -5.30 2.81 -35.88
CA LEU A 769 -5.93 2.37 -34.64
C LEU A 769 -7.29 3.01 -34.37
N SER A 770 -7.52 4.23 -34.81
CA SER A 770 -8.86 4.79 -34.74
C SER A 770 -9.32 5.21 -36.12
N SER A 771 -10.62 5.07 -36.36
CA SER A 771 -11.28 5.56 -37.56
C SER A 771 -11.94 6.93 -37.35
N SER A 772 -11.56 7.64 -36.28
CA SER A 772 -12.18 8.92 -35.93
C SER A 772 -11.43 10.06 -36.59
N ALA A 773 -12.19 11.06 -37.03
CA ALA A 773 -11.64 12.31 -37.51
C ALA A 773 -12.36 13.46 -36.82
N LEU A 774 -11.59 14.49 -36.50
CA LEU A 774 -12.12 15.72 -35.95
C LEU A 774 -12.30 16.70 -37.10
N PRO A 775 -13.53 16.97 -37.54
CA PRO A 775 -13.72 17.63 -38.84
C PRO A 775 -13.09 19.03 -38.90
N ARG A 776 -12.51 19.34 -40.05
CA ARG A 776 -11.90 20.65 -40.24
C ARG A 776 -12.97 21.73 -40.26
N LEU A 777 -12.66 22.88 -39.67
CA LEU A 777 -13.61 23.98 -39.54
C LEU A 777 -13.31 25.02 -40.61
N THR A 778 -14.34 25.40 -41.36
CA THR A 778 -14.14 26.42 -42.37
C THR A 778 -13.72 27.75 -41.73
N GLU A 779 -13.12 28.62 -42.55
CA GLU A 779 -12.79 29.96 -42.05
C GLU A 779 -14.06 30.68 -41.59
N ALA A 780 -15.20 30.40 -42.22
CA ALA A 780 -16.47 31.00 -41.78
C ALA A 780 -16.88 30.49 -40.41
N GLU A 781 -16.86 29.16 -40.20
CA GLU A 781 -17.29 28.60 -38.91
C GLU A 781 -16.34 29.01 -37.79
N ARG A 782 -15.04 29.18 -38.07
CA ARG A 782 -14.13 29.66 -37.04
C ARG A 782 -14.45 31.10 -36.66
N ARG A 783 -14.90 31.92 -37.61
CA ARG A 783 -15.27 33.29 -37.28
C ARG A 783 -16.56 33.31 -36.46
N LEU A 784 -17.49 32.40 -36.74
CA LEU A 784 -18.71 32.33 -35.94
C LEU A 784 -18.39 32.03 -34.48
N LEU A 785 -17.48 31.08 -34.22
CA LEU A 785 -17.24 30.57 -32.87
C LEU A 785 -16.29 31.44 -32.04
N LYS A 786 -15.30 32.09 -32.66
CA LYS A 786 -14.25 32.75 -31.87
C LYS A 786 -14.78 33.96 -31.12
N GLY A 787 -14.44 34.05 -29.83
CA GLY A 787 -14.82 35.19 -29.03
C GLY A 787 -16.26 35.25 -28.52
N THR A 788 -16.96 34.12 -28.42
CA THR A 788 -18.39 34.15 -28.05
C THR A 788 -18.65 33.82 -26.58
N VAL A 789 -17.92 34.39 -25.62
CA VAL A 789 -18.24 34.22 -24.20
C VAL A 789 -17.98 35.53 -23.49
N ASP A 790 -18.79 35.82 -22.47
CA ASP A 790 -18.53 37.02 -21.68
C ASP A 790 -17.70 36.71 -20.45
N PHE A 791 -17.64 35.44 -20.05
CA PHE A 791 -16.90 35.04 -18.87
C PHE A 791 -16.61 33.55 -19.01
N CYS A 792 -15.71 33.07 -18.15
CA CYS A 792 -15.39 31.65 -18.08
C CYS A 792 -16.13 31.03 -16.89
N ALA A 793 -16.99 30.05 -17.18
CA ALA A 793 -17.76 29.36 -16.16
C ALA A 793 -17.29 27.90 -16.11
N LEU A 794 -17.02 27.40 -14.90
CA LEU A 794 -16.40 26.10 -14.72
C LEU A 794 -17.18 25.33 -13.68
N ASN A 795 -17.50 24.09 -14.00
CA ASN A 795 -18.07 23.16 -13.03
C ASN A 795 -16.96 22.24 -12.57
N HIS A 796 -16.50 22.43 -11.33
CA HIS A 796 -15.36 21.68 -10.79
C HIS A 796 -15.80 20.89 -9.57
N PHE A 797 -15.68 19.57 -9.65
CA PHE A 797 -16.02 18.70 -8.54
C PHE A 797 -14.82 18.00 -7.93
N THR A 798 -13.87 17.53 -8.73
CA THR A 798 -12.87 16.61 -8.20
C THR A 798 -11.63 16.62 -9.07
N THR A 799 -10.63 15.85 -8.65
CA THR A 799 -9.41 15.64 -9.39
C THR A 799 -9.30 14.16 -9.72
N ARG A 800 -9.13 13.83 -11.00
CA ARG A 800 -8.94 12.46 -11.44
C ARG A 800 -7.45 12.11 -11.50
N PHE A 801 -7.14 10.84 -11.25
CA PHE A 801 -5.78 10.32 -11.38
C PHE A 801 -5.74 9.42 -12.61
N VAL A 802 -4.86 9.73 -13.55
CA VAL A 802 -4.95 9.15 -14.88
C VAL A 802 -3.63 8.48 -15.26
N MET A 803 -3.76 7.45 -16.09
CA MET A 803 -2.62 6.77 -16.64
C MET A 803 -2.84 6.59 -18.14
N HIS A 804 -1.73 6.53 -18.86
CA HIS A 804 -1.79 6.34 -20.31
C HIS A 804 -2.12 4.88 -20.61
N GLU A 805 -3.01 4.65 -21.58
CA GLU A 805 -3.30 3.30 -22.03
C GLU A 805 -3.84 3.34 -23.45
N GLN A 806 -3.13 2.70 -24.38
CA GLN A 806 -3.61 2.55 -25.74
C GLN A 806 -4.89 1.71 -25.78
N LEU A 807 -6.03 2.38 -25.89
CA LEU A 807 -7.33 1.69 -25.89
C LEU A 807 -7.77 1.34 -27.31
N ALA A 808 -8.66 0.37 -27.38
CA ALA A 808 -9.19 -0.14 -28.63
C ALA A 808 -10.53 0.53 -28.95
N GLY A 809 -10.80 0.68 -30.24
CA GLY A 809 -12.05 1.23 -30.71
C GLY A 809 -11.86 2.65 -31.25
N SER A 810 -12.97 3.21 -31.71
CA SER A 810 -12.96 4.56 -32.26
C SER A 810 -14.00 5.46 -31.59
N ARG A 811 -14.30 5.18 -30.32
CA ARG A 811 -15.14 6.07 -29.53
C ARG A 811 -14.30 7.21 -28.95
N TYR A 812 -14.99 8.18 -28.37
CA TYR A 812 -14.29 9.32 -27.77
C TYR A 812 -13.37 8.86 -26.65
N ASP A 813 -13.85 8.00 -25.75
CA ASP A 813 -13.01 7.59 -24.63
C ASP A 813 -11.82 6.76 -25.09
N SER A 814 -11.95 6.06 -26.22
CA SER A 814 -10.82 5.32 -26.79
C SER A 814 -9.80 6.26 -27.41
N ASP A 815 -10.26 7.30 -28.11
CA ASP A 815 -9.31 8.20 -28.78
C ASP A 815 -8.41 8.93 -27.78
N ARG A 816 -8.84 9.10 -26.54
CA ARG A 816 -8.01 9.91 -25.66
C ARG A 816 -7.00 9.09 -24.86
N ASP A 817 -7.08 7.74 -24.93
CA ASP A 817 -6.04 6.85 -24.39
C ASP A 817 -5.80 7.07 -22.90
N ILE A 818 -6.85 6.98 -22.10
CA ILE A 818 -6.72 7.29 -20.67
C ILE A 818 -7.53 6.30 -19.85
N GLN A 819 -6.89 5.78 -18.80
CA GLN A 819 -7.56 5.01 -17.76
C GLN A 819 -7.44 5.75 -16.44
N PHE A 820 -8.39 5.49 -15.55
CA PHE A 820 -8.50 6.19 -14.28
C PHE A 820 -8.21 5.22 -13.14
N LEU A 821 -7.55 5.74 -12.10
CA LEU A 821 -7.32 4.99 -10.87
C LEU A 821 -7.90 5.76 -9.70
N GLN A 822 -8.38 5.02 -8.70
CA GLN A 822 -8.79 5.62 -7.45
C GLN A 822 -7.63 5.59 -6.47
N ASP A 823 -7.43 6.69 -5.75
CA ASP A 823 -6.35 6.77 -4.78
C ASP A 823 -6.93 6.61 -3.38
N ILE A 824 -6.68 5.45 -2.77
CA ILE A 824 -7.25 5.13 -1.46
C ILE A 824 -6.75 6.07 -0.38
N THR A 825 -5.56 6.66 -0.56
CA THR A 825 -4.98 7.49 0.50
C THR A 825 -5.63 8.86 0.63
N ARG A 826 -6.62 9.19 -0.21
CA ARG A 826 -7.30 10.48 -0.12
C ARG A 826 -8.75 10.29 0.26
N LEU A 827 -9.28 11.32 0.92
CA LEU A 827 -10.68 11.36 1.32
C LEU A 827 -11.58 11.28 0.09
N SER A 828 -12.65 10.49 0.19
CA SER A 828 -13.57 10.40 -0.93
C SER A 828 -14.97 10.19 -0.39
N SER A 829 -15.94 10.25 -1.29
CA SER A 829 -17.36 10.26 -0.99
C SER A 829 -17.99 8.92 -1.30
N PRO A 830 -19.22 8.67 -0.82
CA PRO A 830 -19.89 7.39 -1.12
C PRO A 830 -19.93 7.01 -2.60
N THR A 831 -19.94 7.97 -3.52
CA THR A 831 -19.85 7.66 -4.94
C THR A 831 -18.43 7.83 -5.47
N ARG A 832 -17.42 7.75 -4.60
CA ARG A 832 -16.01 7.68 -4.91
C ARG A 832 -15.41 8.99 -5.42
N LEU A 833 -16.14 10.11 -5.34
CA LEU A 833 -15.59 11.41 -5.67
C LEU A 833 -14.48 11.79 -4.68
N ALA A 834 -13.27 12.00 -5.19
CA ALA A 834 -12.13 12.37 -4.37
C ALA A 834 -12.20 13.84 -3.97
N VAL A 835 -11.91 14.10 -2.69
CA VAL A 835 -11.85 15.46 -2.17
C VAL A 835 -10.40 15.92 -2.26
N ILE A 836 -10.07 16.66 -3.33
CA ILE A 836 -8.71 17.11 -3.59
C ILE A 836 -8.72 18.63 -3.71
N PRO A 837 -8.67 19.36 -2.58
CA PRO A 837 -8.92 20.81 -2.63
C PRO A 837 -7.91 21.59 -3.46
N TRP A 838 -6.64 21.21 -3.47
CA TRP A 838 -5.64 21.93 -4.26
C TRP A 838 -5.87 21.77 -5.75
N GLY A 839 -6.66 20.79 -6.18
CA GLY A 839 -6.97 20.65 -7.60
C GLY A 839 -7.62 21.90 -8.18
N VAL A 840 -8.51 22.54 -7.41
CA VAL A 840 -9.20 23.70 -7.97
C VAL A 840 -8.24 24.86 -8.18
N ARG A 841 -7.24 25.01 -7.30
CA ARG A 841 -6.25 26.04 -7.53
C ARG A 841 -5.42 25.76 -8.78
N LYS A 842 -4.99 24.51 -8.97
CA LYS A 842 -4.24 24.16 -10.16
C LYS A 842 -5.08 24.41 -11.42
N LEU A 843 -6.36 24.09 -11.37
CA LEU A 843 -7.24 24.32 -12.51
C LEU A 843 -7.29 25.81 -12.86
N LEU A 844 -7.50 26.66 -11.86
CA LEU A 844 -7.66 28.09 -12.13
C LEU A 844 -6.39 28.70 -12.72
N ARG A 845 -5.21 28.21 -12.31
CA ARG A 845 -3.96 28.61 -12.95
C ARG A 845 -3.89 28.16 -14.40
N TRP A 846 -4.24 26.90 -14.66
CA TRP A 846 -4.21 26.37 -16.01
C TRP A 846 -5.15 27.15 -16.93
N VAL A 847 -6.30 27.58 -16.40
CA VAL A 847 -7.25 28.33 -17.21
C VAL A 847 -6.68 29.71 -17.56
N ARG A 848 -6.17 30.43 -16.57
CA ARG A 848 -5.59 31.73 -16.87
C ARG A 848 -4.33 31.60 -17.73
N ARG A 849 -3.54 30.55 -17.54
CA ARG A 849 -2.33 30.39 -18.34
C ARG A 849 -2.67 30.20 -19.83
N ASN A 850 -3.76 29.50 -20.13
CA ASN A 850 -4.05 29.20 -21.53
C ASN A 850 -5.05 30.14 -22.17
N TYR A 851 -5.88 30.85 -21.41
CA TYR A 851 -6.96 31.62 -21.99
C TYR A 851 -6.98 33.07 -21.55
N GLY A 852 -6.01 33.51 -20.77
CA GLY A 852 -5.93 34.89 -20.40
C GLY A 852 -6.61 35.20 -19.09
N ASP A 853 -6.70 36.50 -18.83
CA ASP A 853 -7.23 37.02 -17.57
C ASP A 853 -8.73 37.35 -17.71
N MET A 854 -9.50 36.33 -18.06
CA MET A 854 -10.94 36.45 -18.11
C MET A 854 -11.52 36.41 -16.71
N ASP A 855 -12.74 36.90 -16.58
CA ASP A 855 -13.48 36.66 -15.37
C ASP A 855 -13.89 35.20 -15.30
N ILE A 856 -13.71 34.59 -14.13
CA ILE A 856 -14.00 33.18 -13.93
C ILE A 856 -15.09 33.03 -12.87
N TYR A 857 -16.11 32.23 -13.19
CA TYR A 857 -17.11 31.82 -12.22
C TYR A 857 -17.03 30.32 -12.09
N ILE A 858 -17.04 29.84 -10.85
CA ILE A 858 -17.23 28.43 -10.60
C ILE A 858 -18.74 28.22 -10.47
N THR A 859 -19.37 27.66 -11.50
CA THR A 859 -20.83 27.60 -11.52
C THR A 859 -21.39 26.34 -10.90
N ALA A 860 -20.52 25.42 -10.47
CA ALA A 860 -20.97 24.24 -9.76
C ALA A 860 -19.77 23.64 -9.04
N SER A 861 -19.97 23.28 -7.77
CA SER A 861 -18.91 22.74 -6.92
C SER A 861 -19.61 22.08 -5.74
N GLY A 862 -19.28 20.82 -5.48
CA GLY A 862 -19.95 20.14 -4.38
C GLY A 862 -19.54 18.69 -4.32
N ILE A 863 -20.24 17.98 -3.43
CA ILE A 863 -19.85 16.64 -3.05
C ILE A 863 -21.09 15.93 -2.50
N ASP A 864 -21.25 14.66 -2.85
CA ASP A 864 -22.30 13.87 -2.23
C ASP A 864 -21.83 13.43 -0.84
N ASP A 865 -22.81 13.22 0.03
CA ASP A 865 -22.54 12.92 1.43
C ASP A 865 -23.72 12.07 1.89
N GLN A 866 -23.42 10.91 2.47
CA GLN A 866 -24.51 10.01 2.87
C GLN A 866 -25.32 10.57 4.03
N ALA A 867 -24.75 11.47 4.83
CA ALA A 867 -25.43 11.97 6.02
C ALA A 867 -26.67 12.78 5.67
N LEU A 868 -27.62 12.78 6.61
CA LEU A 868 -28.91 13.42 6.41
C LEU A 868 -29.06 14.75 7.12
N GLU A 869 -28.30 14.99 8.20
CA GLU A 869 -28.40 16.25 8.92
C GLU A 869 -27.00 16.79 9.22
N ASP A 870 -26.12 15.97 9.79
CA ASP A 870 -24.75 16.41 10.07
C ASP A 870 -23.87 15.94 8.93
N ASP A 871 -23.78 16.76 7.88
CA ASP A 871 -23.06 16.40 6.66
C ASP A 871 -21.62 16.92 6.77
N ARG A 872 -20.80 16.18 7.53
CA ARG A 872 -19.46 16.65 7.84
C ARG A 872 -18.54 16.64 6.62
N LEU A 873 -18.77 15.72 5.68
CA LEU A 873 -17.96 15.71 4.46
C LEU A 873 -18.20 16.96 3.62
N ARG A 874 -19.46 17.37 3.49
CA ARG A 874 -19.77 18.60 2.75
C ARG A 874 -19.17 19.81 3.46
N LYS A 875 -19.27 19.85 4.79
CA LYS A 875 -18.66 20.94 5.55
C LYS A 875 -17.15 20.97 5.33
N TYR A 876 -16.51 19.80 5.33
CA TYR A 876 -15.06 19.73 5.08
C TYR A 876 -14.74 20.18 3.66
N TYR A 877 -15.48 19.65 2.68
CA TYR A 877 -15.29 20.01 1.28
C TYR A 877 -15.43 21.52 1.09
N LEU A 878 -16.52 22.09 1.59
CA LEU A 878 -16.76 23.52 1.46
C LEU A 878 -15.61 24.34 2.02
N GLY A 879 -15.17 24.01 3.24
CA GLY A 879 -14.12 24.79 3.87
C GLY A 879 -12.78 24.70 3.14
N LYS A 880 -12.44 23.50 2.67
CA LYS A 880 -11.11 23.34 2.08
C LYS A 880 -11.08 23.86 0.65
N TYR A 881 -12.13 23.61 -0.14
CA TYR A 881 -12.12 24.13 -1.50
C TYR A 881 -12.22 25.66 -1.52
N LEU A 882 -13.02 26.23 -0.63
CA LEU A 882 -13.11 27.69 -0.60
C LEU A 882 -11.80 28.34 -0.17
N GLN A 883 -11.04 27.69 0.74
CA GLN A 883 -9.71 28.20 1.08
C GLN A 883 -8.82 28.27 -0.16
N GLU A 884 -8.92 27.25 -1.02
CA GLU A 884 -8.08 27.24 -2.22
C GLU A 884 -8.56 28.24 -3.25
N VAL A 885 -9.88 28.49 -3.34
CA VAL A 885 -10.40 29.54 -4.19
C VAL A 885 -9.87 30.90 -3.74
N LEU A 886 -9.93 31.15 -2.43
CA LEU A 886 -9.43 32.42 -1.92
C LEU A 886 -7.93 32.53 -2.07
N LYS A 887 -7.20 31.40 -1.97
CA LYS A 887 -5.78 31.42 -2.27
C LYS A 887 -5.54 31.76 -3.74
N ALA A 888 -6.37 31.22 -4.63
CA ALA A 888 -6.27 31.60 -6.04
C ALA A 888 -6.47 33.10 -6.21
N TYR A 889 -7.37 33.69 -5.41
CA TYR A 889 -7.68 35.10 -5.53
C TYR A 889 -6.61 35.99 -4.89
N LEU A 890 -6.33 35.80 -3.60
CA LEU A 890 -5.38 36.65 -2.91
C LEU A 890 -3.96 36.45 -3.42
N ILE A 891 -3.54 35.21 -3.63
CA ILE A 891 -2.14 34.91 -3.91
C ILE A 891 -1.85 34.86 -5.40
N ASP A 892 -2.61 34.06 -6.17
CA ASP A 892 -2.39 33.92 -7.60
C ASP A 892 -3.02 35.03 -8.43
N LYS A 893 -3.88 35.86 -7.83
CA LYS A 893 -4.52 37.00 -8.49
C LYS A 893 -5.42 36.57 -9.64
N VAL A 894 -6.04 35.40 -9.52
CA VAL A 894 -7.01 34.98 -10.52
C VAL A 894 -8.27 35.84 -10.39
N ARG A 895 -8.80 36.28 -11.52
CA ARG A 895 -10.04 37.05 -11.53
C ARG A 895 -11.25 36.17 -11.24
N ILE A 896 -11.33 35.62 -10.04
CA ILE A 896 -12.45 34.74 -9.69
C ILE A 896 -13.58 35.63 -9.15
N LYS A 897 -14.77 35.52 -9.74
CA LYS A 897 -15.85 36.44 -9.41
C LYS A 897 -17.04 35.79 -8.74
N GLY A 898 -17.09 34.47 -8.65
CA GLY A 898 -18.25 33.82 -8.06
C GLY A 898 -18.01 32.34 -7.78
N TYR A 899 -18.80 31.84 -6.83
CA TYR A 899 -18.77 30.44 -6.45
C TYR A 899 -20.20 30.00 -6.22
N TYR A 900 -20.66 28.99 -6.96
CA TYR A 900 -22.01 28.44 -6.83
C TYR A 900 -21.92 27.04 -6.24
N ALA A 901 -22.56 26.84 -5.10
CA ALA A 901 -22.51 25.53 -4.46
C ALA A 901 -23.54 24.60 -5.07
N PHE A 902 -23.13 23.36 -5.30
CA PHE A 902 -23.98 22.35 -5.90
C PHE A 902 -24.36 21.30 -4.84
N LYS A 903 -25.64 21.14 -4.51
CA LYS A 903 -26.77 21.82 -5.12
C LYS A 903 -27.79 22.11 -4.03
N LEU A 904 -28.84 22.84 -4.37
CA LEU A 904 -29.76 23.33 -3.35
C LEU A 904 -30.45 22.17 -2.62
N ALA A 905 -31.09 21.26 -3.36
CA ALA A 905 -31.85 20.17 -2.76
C ALA A 905 -31.58 18.86 -3.51
N GLU A 906 -31.69 17.75 -2.79
CA GLU A 906 -31.52 16.45 -3.44
C GLU A 906 -32.88 15.80 -3.72
N GLU A 907 -32.90 14.94 -4.74
CA GLU A 907 -34.05 14.11 -5.04
C GLU A 907 -33.90 12.73 -4.41
N LYS A 908 -35.06 12.06 -4.20
CA LYS A 908 -35.19 10.99 -3.21
C LYS A 908 -34.22 9.85 -3.43
N SER A 909 -34.11 9.35 -4.67
CA SER A 909 -33.28 8.19 -4.93
C SER A 909 -32.06 8.53 -5.79
N LYS A 910 -31.55 9.74 -5.67
CA LYS A 910 -30.32 10.16 -6.33
C LYS A 910 -29.23 10.39 -5.29
N PRO A 911 -27.96 10.53 -5.72
CA PRO A 911 -26.91 10.85 -4.74
C PRO A 911 -27.19 12.16 -4.02
N ARG A 912 -26.73 12.23 -2.77
CA ARG A 912 -27.14 13.30 -1.87
C ARG A 912 -26.16 14.47 -1.95
N PHE A 913 -26.36 15.30 -2.98
CA PHE A 913 -25.61 16.54 -3.14
C PHE A 913 -26.27 17.75 -2.50
N GLY A 914 -27.50 17.62 -1.98
CA GLY A 914 -28.25 18.79 -1.59
C GLY A 914 -27.83 19.35 -0.24
N PHE A 915 -27.95 20.68 -0.13
CA PHE A 915 -27.96 21.33 1.17
C PHE A 915 -29.21 20.99 1.96
N PHE A 916 -30.28 20.64 1.26
CA PHE A 916 -31.52 20.23 1.88
C PHE A 916 -31.82 18.79 1.46
N THR A 917 -32.41 18.04 2.37
CA THR A 917 -32.83 16.68 2.11
C THR A 917 -34.01 16.67 1.15
N SER A 918 -34.44 15.47 0.74
CA SER A 918 -35.57 15.34 -0.17
C SER A 918 -36.88 15.76 0.48
N ASP A 919 -36.96 15.79 1.82
CA ASP A 919 -38.11 16.35 2.51
C ASP A 919 -37.90 17.82 2.90
N PHE A 920 -36.94 18.51 2.26
CA PHE A 920 -36.67 19.92 2.51
C PHE A 920 -36.20 20.20 3.92
N LYS A 921 -35.58 19.22 4.56
CA LYS A 921 -34.98 19.47 5.86
C LYS A 921 -33.59 20.05 5.65
N ALA A 922 -33.21 20.99 6.50
CA ALA A 922 -31.92 21.66 6.37
C ALA A 922 -30.82 20.79 6.96
N LYS A 923 -29.71 20.72 6.26
CA LYS A 923 -28.53 20.03 6.77
C LYS A 923 -27.61 21.04 7.45
N SER A 924 -26.71 20.51 8.29
CA SER A 924 -25.83 21.36 9.10
C SER A 924 -24.86 22.21 8.26
N SER A 925 -24.60 21.84 7.02
CA SER A 925 -23.65 22.60 6.21
C SER A 925 -24.20 23.96 5.78
N ILE A 926 -25.51 24.18 5.89
CA ILE A 926 -26.08 25.50 5.55
C ILE A 926 -25.49 26.57 6.44
N GLN A 927 -25.46 26.32 7.75
CA GLN A 927 -24.93 27.33 8.67
C GLN A 927 -23.45 27.58 8.43
N PHE A 928 -22.71 26.55 8.03
CA PHE A 928 -21.30 26.77 7.72
C PHE A 928 -21.14 27.65 6.47
N TYR A 929 -21.92 27.36 5.43
CA TYR A 929 -21.84 28.17 4.22
C TYR A 929 -22.30 29.60 4.50
N ASN A 930 -23.36 29.77 5.29
CA ASN A 930 -23.78 31.12 5.66
C ASN A 930 -22.67 31.86 6.40
N LYS A 931 -21.92 31.15 7.26
CA LYS A 931 -20.86 31.80 8.02
C LYS A 931 -19.76 32.29 7.10
N VAL A 932 -19.39 31.48 6.10
CA VAL A 932 -18.37 31.90 5.14
C VAL A 932 -18.87 33.10 4.35
N ILE A 933 -20.12 33.08 3.92
CA ILE A 933 -20.65 34.20 3.14
C ILE A 933 -20.63 35.48 3.97
N SER A 934 -21.08 35.38 5.23
CA SER A 934 -21.11 36.55 6.11
C SER A 934 -19.73 37.14 6.30
N SER A 935 -18.73 36.29 6.54
CA SER A 935 -17.37 36.77 6.71
C SER A 935 -16.68 37.10 5.41
N ARG A 936 -17.32 36.82 4.28
CA ARG A 936 -16.68 36.97 2.97
C ARG A 936 -15.37 36.18 2.91
N GLY A 937 -15.39 34.99 3.51
CA GLY A 937 -14.21 34.16 3.53
C GLY A 937 -13.74 33.78 4.91
N PHE A 938 -12.45 34.03 5.17
CA PHE A 938 -11.77 33.57 6.39
C PHE A 938 -10.84 34.66 6.91
N PRO A 939 -11.40 35.78 7.39
CA PRO A 939 -10.55 36.90 7.81
C PRO A 939 -10.03 36.71 9.23
N VAL B 2 36.97 -16.76 34.20
CA VAL B 2 36.46 -18.08 34.57
C VAL B 2 37.59 -18.98 35.10
N GLN B 3 37.30 -19.72 36.17
CA GLN B 3 38.21 -20.72 36.70
C GLN B 3 37.67 -22.11 36.36
N LEU B 4 38.56 -23.00 35.93
CA LEU B 4 38.24 -24.37 35.55
C LEU B 4 38.91 -25.33 36.51
N VAL B 5 38.16 -26.32 37.00
CA VAL B 5 38.67 -27.28 37.98
C VAL B 5 38.32 -28.69 37.54
N GLU B 6 39.34 -29.52 37.29
CA GLU B 6 39.18 -30.93 36.93
C GLU B 6 38.94 -31.79 38.15
N SER B 7 38.44 -33.01 37.90
CA SER B 7 38.41 -34.07 38.90
C SER B 7 38.06 -35.37 38.19
N GLY B 8 38.20 -36.48 38.93
CA GLY B 8 37.93 -37.79 38.40
C GLY B 8 39.14 -38.53 37.86
N GLY B 9 40.33 -37.95 37.91
CA GLY B 9 41.49 -38.61 37.36
C GLY B 9 41.92 -39.82 38.18
N GLY B 10 43.18 -40.20 38.07
CA GLY B 10 43.64 -41.27 38.93
C GLY B 10 44.18 -42.47 38.19
N LEU B 11 44.27 -43.57 38.92
CA LEU B 11 44.93 -44.77 38.47
C LEU B 11 43.88 -45.82 38.11
N VAL B 12 44.02 -46.41 36.94
CA VAL B 12 43.05 -47.37 36.43
C VAL B 12 43.80 -48.46 35.69
N GLN B 13 43.27 -49.68 35.71
CA GLN B 13 43.87 -50.77 34.96
C GLN B 13 43.50 -50.67 33.48
N ALA B 14 44.40 -51.11 32.62
CA ALA B 14 44.16 -51.11 31.18
C ALA B 14 42.83 -51.78 30.86
N GLY B 15 42.16 -51.29 29.82
CA GLY B 15 40.81 -51.72 29.51
C GLY B 15 39.76 -51.20 30.45
N GLY B 16 40.14 -50.50 31.51
CA GLY B 16 39.19 -49.91 32.43
C GLY B 16 38.64 -48.58 31.93
N SER B 17 37.98 -47.87 32.83
CA SER B 17 37.30 -46.66 32.44
C SER B 17 37.37 -45.63 33.57
N LEU B 18 37.36 -44.35 33.16
CA LEU B 18 37.35 -43.19 34.05
C LEU B 18 36.38 -42.14 33.52
N ARG B 19 35.86 -41.31 34.41
CA ARG B 19 35.05 -40.17 34.03
C ARG B 19 35.68 -38.92 34.62
N LEU B 20 36.24 -38.08 33.76
CA LEU B 20 36.73 -36.77 34.15
C LEU B 20 35.61 -35.77 34.09
N SER B 21 35.71 -34.73 34.92
CA SER B 21 34.74 -33.66 34.87
C SER B 21 35.45 -32.34 35.11
N CYS B 22 34.92 -31.30 34.49
CA CYS B 22 35.45 -29.94 34.60
C CYS B 22 34.30 -29.04 35.02
N ALA B 23 34.40 -28.48 36.22
CA ALA B 23 33.41 -27.56 36.73
C ALA B 23 33.92 -26.13 36.54
N ALA B 24 33.14 -25.31 35.87
CA ALA B 24 33.52 -23.94 35.59
C ALA B 24 32.81 -23.01 36.56
N SER B 25 33.53 -21.97 37.00
CA SER B 25 32.95 -20.93 37.82
C SER B 25 33.20 -19.61 37.11
N GLN B 26 32.13 -18.84 36.87
CA GLN B 26 32.21 -17.62 36.09
C GLN B 26 31.50 -16.51 36.85
N ARG B 27 32.16 -15.36 36.95
CA ARG B 27 31.54 -14.19 37.57
C ARG B 27 30.57 -13.48 36.65
N THR B 28 30.47 -13.91 35.38
CA THR B 28 29.54 -13.39 34.39
C THR B 28 29.18 -14.58 33.49
N PHE B 29 28.33 -15.46 34.02
CA PHE B 29 27.98 -16.74 33.40
C PHE B 29 27.53 -16.57 31.95
N SER B 30 28.34 -17.06 31.02
CA SER B 30 28.14 -16.94 29.58
C SER B 30 28.37 -18.30 28.95
N PRO B 31 28.00 -18.47 27.67
CA PRO B 31 28.23 -19.76 27.00
C PRO B 31 29.71 -19.97 26.68
N TYR B 32 30.11 -21.24 26.56
CA TYR B 32 31.49 -21.56 26.20
C TYR B 32 31.60 -22.96 25.63
N VAL B 33 32.62 -23.16 24.82
CA VAL B 33 33.00 -24.47 24.33
C VAL B 33 33.86 -25.15 25.37
N GLY B 34 33.52 -26.38 25.76
CA GLY B 34 34.35 -27.16 26.66
C GLY B 34 35.29 -28.06 25.89
N GLY B 35 36.57 -28.02 26.27
CA GLY B 35 37.58 -28.81 25.61
C GLY B 35 38.38 -29.64 26.59
N TRP B 36 38.97 -30.70 26.05
CA TRP B 36 39.90 -31.54 26.81
C TRP B 36 41.17 -31.73 25.99
N PHE B 37 42.30 -31.50 26.62
CA PHE B 37 43.61 -31.75 26.03
C PHE B 37 44.37 -32.65 26.99
N ARG B 38 45.47 -33.21 26.50
CA ARG B 38 46.29 -34.09 27.33
C ARG B 38 47.75 -33.95 26.93
N GLN B 39 48.65 -34.21 27.89
CA GLN B 39 50.06 -33.95 27.68
C GLN B 39 50.90 -35.00 28.39
N ALA B 40 51.75 -35.72 27.64
CA ALA B 40 52.80 -36.51 28.27
C ALA B 40 54.03 -35.65 28.49
N PRO B 41 54.89 -36.00 29.45
CA PRO B 41 56.08 -35.17 29.74
C PRO B 41 56.96 -35.01 28.51
N GLY B 42 57.42 -33.76 28.27
CA GLY B 42 58.26 -33.47 27.13
C GLY B 42 57.60 -33.54 25.77
N LYS B 43 56.32 -33.90 25.70
CA LYS B 43 55.60 -33.91 24.43
C LYS B 43 54.69 -32.70 24.34
N GLU B 44 54.22 -32.43 23.12
CA GLU B 44 53.35 -31.28 22.95
C GLU B 44 51.94 -31.60 23.41
N ARG B 45 51.21 -30.57 23.80
CA ARG B 45 49.84 -30.74 24.25
C ARG B 45 48.92 -31.15 23.09
N GLU B 46 48.06 -32.12 23.35
CA GLU B 46 47.38 -32.90 22.33
C GLU B 46 45.87 -32.77 22.52
N PHE B 47 45.16 -32.47 21.43
CA PHE B 47 43.71 -32.31 21.49
C PHE B 47 43.04 -33.66 21.70
N VAL B 48 42.04 -33.70 22.57
CA VAL B 48 41.32 -34.92 22.90
C VAL B 48 39.86 -34.86 22.43
N ALA B 49 39.10 -33.87 22.92
CA ALA B 49 37.67 -33.77 22.65
C ALA B 49 37.20 -32.35 22.99
N ALA B 50 36.15 -31.92 22.31
CA ALA B 50 35.52 -30.63 22.61
C ALA B 50 34.02 -30.73 22.31
N ILE B 51 33.26 -29.82 22.92
CA ILE B 51 31.81 -29.85 22.82
C ILE B 51 31.28 -28.43 22.78
N SER B 52 30.33 -28.20 21.88
CA SER B 52 29.73 -26.90 21.74
C SER B 52 28.79 -26.62 22.90
N TRP B 53 28.32 -25.37 22.96
CA TRP B 53 27.54 -24.90 24.08
C TRP B 53 26.29 -25.76 24.30
N SER B 54 25.50 -26.00 23.25
CA SER B 54 24.30 -26.78 23.48
C SER B 54 24.46 -28.23 23.03
N GLY B 55 25.69 -28.66 22.79
CA GLY B 55 25.96 -30.06 22.61
C GLY B 55 25.71 -30.59 21.23
N GLY B 56 25.34 -29.73 20.27
CA GLY B 56 25.12 -30.25 18.92
C GLY B 56 26.38 -30.61 18.18
N THR B 57 27.52 -30.03 18.55
CA THR B 57 28.78 -30.34 17.89
C THR B 57 29.73 -30.95 18.92
N LYS B 58 30.24 -32.15 18.62
CA LYS B 58 31.29 -32.80 19.41
C LYS B 58 32.41 -33.27 18.48
N LEU B 59 33.65 -32.97 18.83
CA LEU B 59 34.80 -33.41 18.05
C LEU B 59 35.72 -34.25 18.93
N TYR B 60 36.40 -35.20 18.28
CA TYR B 60 37.28 -36.14 18.95
C TYR B 60 38.51 -36.35 18.10
N ALA B 61 39.67 -36.38 18.75
CA ALA B 61 40.88 -36.89 18.10
C ALA B 61 40.68 -38.32 17.63
N ASP B 62 41.35 -38.68 16.52
CA ASP B 62 41.16 -39.99 15.92
C ASP B 62 41.63 -41.12 16.83
N SER B 63 42.68 -40.89 17.63
CA SER B 63 43.15 -41.90 18.57
C SER B 63 42.14 -42.24 19.65
N VAL B 64 40.97 -41.60 19.67
CA VAL B 64 40.14 -41.57 20.86
C VAL B 64 38.67 -41.78 20.43
N LYS B 65 38.41 -41.60 19.13
CA LYS B 65 37.09 -41.85 18.58
C LYS B 65 36.58 -43.23 18.98
N GLY B 66 35.32 -43.30 19.41
CA GLY B 66 34.71 -44.56 19.74
C GLY B 66 34.96 -45.04 21.16
N ARG B 67 36.04 -44.59 21.79
CA ARG B 67 36.32 -44.93 23.17
C ARG B 67 35.92 -43.84 24.15
N PHE B 68 36.16 -42.57 23.81
CA PHE B 68 35.86 -41.44 24.67
C PHE B 68 34.55 -40.79 24.23
N THR B 69 33.80 -40.28 25.21
CA THR B 69 32.54 -39.58 24.99
C THR B 69 32.54 -38.30 25.82
N ILE B 70 32.33 -37.17 25.17
CA ILE B 70 32.25 -35.87 25.86
C ILE B 70 30.79 -35.49 25.99
N SER B 71 30.44 -34.86 27.10
CA SER B 71 29.07 -34.43 27.36
C SER B 71 29.12 -33.26 28.31
N ARG B 72 27.95 -32.74 28.64
CA ARG B 72 27.91 -31.46 29.33
C ARG B 72 26.57 -31.34 30.03
N ASP B 73 26.57 -30.62 31.15
CA ASP B 73 25.36 -30.30 31.92
C ASP B 73 25.47 -28.82 32.29
N ASN B 74 24.88 -27.96 31.45
CA ASN B 74 25.00 -26.53 31.64
C ASN B 74 24.45 -26.07 32.98
N ALA B 75 23.41 -26.75 33.49
CA ALA B 75 22.84 -26.38 34.79
C ALA B 75 23.89 -26.50 35.90
N LYS B 76 24.77 -27.48 35.81
CA LYS B 76 25.83 -27.66 36.79
C LYS B 76 27.16 -27.02 36.38
N ASN B 77 27.19 -26.31 35.24
CA ASN B 77 28.43 -25.70 34.75
C ASN B 77 29.53 -26.73 34.54
N THR B 78 29.19 -27.96 34.16
CA THR B 78 30.17 -29.03 34.13
C THR B 78 30.21 -29.65 32.75
N VAL B 79 31.43 -29.93 32.29
CA VAL B 79 31.69 -30.76 31.12
C VAL B 79 32.29 -32.09 31.60
N TYR B 80 31.89 -33.19 30.97
CA TYR B 80 32.31 -34.54 31.36
C TYR B 80 33.00 -35.23 30.21
N LEU B 81 34.03 -36.01 30.53
CA LEU B 81 34.73 -36.87 29.58
C LEU B 81 34.68 -38.31 30.09
N GLN B 82 33.88 -39.15 29.44
CA GLN B 82 33.82 -40.58 29.75
C GLN B 82 34.87 -41.29 28.93
N MET B 83 35.83 -41.94 29.59
CA MET B 83 36.93 -42.61 28.91
C MET B 83 36.79 -44.11 29.16
N ASN B 84 36.53 -44.86 28.11
CA ASN B 84 36.39 -46.32 28.20
C ASN B 84 37.50 -46.99 27.42
N THR B 85 37.76 -48.26 27.79
CA THR B 85 38.78 -49.08 27.15
C THR B 85 40.13 -48.38 27.14
N LEU B 86 40.54 -47.92 28.32
CA LEU B 86 41.78 -47.17 28.43
C LEU B 86 42.99 -48.03 28.06
N LYS B 87 43.92 -47.42 27.34
CA LYS B 87 45.17 -48.02 26.91
C LYS B 87 46.32 -47.34 27.65
N ARG B 88 47.46 -48.03 27.72
CA ARG B 88 48.66 -47.44 28.32
C ARG B 88 49.03 -46.13 27.62
N GLU B 89 48.82 -46.07 26.30
CA GLU B 89 49.08 -44.85 25.54
C GLU B 89 48.18 -43.68 25.96
N ASP B 90 47.14 -43.92 26.76
CA ASP B 90 46.28 -42.84 27.25
C ASP B 90 46.84 -42.16 28.50
N THR B 91 47.91 -42.69 29.09
CA THR B 91 48.48 -42.12 30.31
C THR B 91 49.00 -40.71 30.03
N ALA B 92 48.54 -39.73 30.81
CA ALA B 92 48.90 -38.33 30.56
C ALA B 92 48.27 -37.45 31.63
N VAL B 93 48.72 -36.19 31.66
CA VAL B 93 48.01 -35.13 32.37
C VAL B 93 46.91 -34.60 31.46
N TYR B 94 45.68 -34.59 31.95
CA TYR B 94 44.54 -34.16 31.18
C TYR B 94 44.12 -32.76 31.63
N TYR B 95 43.97 -31.86 30.67
CA TYR B 95 43.63 -30.47 30.92
C TYR B 95 42.27 -30.16 30.36
N CYS B 96 41.37 -29.64 31.17
CA CYS B 96 40.18 -29.08 30.59
C CYS B 96 40.45 -27.64 30.17
N ALA B 97 39.67 -27.19 29.20
CA ALA B 97 39.88 -25.91 28.57
C ALA B 97 38.51 -25.37 28.19
N ALA B 98 38.44 -24.06 28.02
CA ALA B 98 37.21 -23.38 27.67
C ALA B 98 37.52 -22.31 26.64
N ARG B 99 36.62 -22.18 25.68
CA ARG B 99 36.70 -21.20 24.60
C ARG B 99 35.35 -20.49 24.55
N ARG B 100 35.37 -19.16 24.57
CA ARG B 100 34.12 -18.39 24.64
C ARG B 100 33.33 -18.52 23.35
N ILE B 101 33.94 -18.20 22.20
CA ILE B 101 33.23 -18.25 20.93
C ILE B 101 32.75 -19.66 20.67
N ASN B 102 31.46 -19.81 20.30
CA ASN B 102 30.81 -21.12 20.13
C ASN B 102 31.17 -21.70 18.78
N GLU B 103 32.43 -22.08 18.67
CA GLU B 103 33.00 -22.66 17.47
C GLU B 103 34.00 -23.71 17.95
N VAL B 104 33.78 -24.96 17.56
CA VAL B 104 34.51 -26.08 18.15
C VAL B 104 35.79 -26.24 17.37
N LEU B 105 36.90 -25.78 17.95
CA LEU B 105 38.22 -25.85 17.34
C LEU B 105 39.11 -26.86 18.07
N THR B 106 40.18 -27.27 17.40
CA THR B 106 40.99 -28.40 17.87
C THR B 106 42.42 -28.06 18.27
N THR B 107 42.83 -26.79 18.30
CA THR B 107 44.22 -26.47 18.64
C THR B 107 44.27 -25.63 19.92
N ALA B 108 45.29 -25.90 20.73
CA ALA B 108 45.44 -25.23 22.02
C ALA B 108 45.37 -23.71 21.98
N PRO B 109 46.00 -23.00 21.04
CA PRO B 109 45.88 -21.53 21.06
C PRO B 109 44.46 -21.03 20.85
N ASP B 110 43.52 -21.88 20.45
CA ASP B 110 42.14 -21.41 20.31
C ASP B 110 41.38 -21.35 21.63
N TYR B 111 41.93 -21.88 22.72
CA TYR B 111 41.22 -21.96 23.99
C TYR B 111 41.79 -20.95 24.96
N ASP B 112 40.91 -20.15 25.54
CA ASP B 112 41.29 -18.98 26.32
C ASP B 112 41.58 -19.32 27.78
N PHE B 113 40.99 -20.39 28.31
CA PHE B 113 41.04 -20.72 29.73
C PHE B 113 41.40 -22.19 29.89
N TRP B 114 42.13 -22.49 30.97
CA TRP B 114 42.75 -23.79 31.20
C TRP B 114 42.64 -24.15 32.67
N GLY B 115 42.41 -25.45 32.93
CA GLY B 115 42.49 -25.96 34.29
C GLY B 115 43.93 -26.31 34.67
N GLN B 116 44.11 -26.70 35.93
CA GLN B 116 45.44 -27.07 36.42
C GLN B 116 45.91 -28.43 35.90
N GLY B 117 45.02 -29.27 35.42
CA GLY B 117 45.47 -30.57 34.96
C GLY B 117 45.31 -31.65 36.00
N THR B 118 45.04 -32.86 35.54
CA THR B 118 44.86 -34.00 36.43
C THR B 118 45.49 -35.23 35.81
N GLN B 119 46.19 -36.01 36.63
CA GLN B 119 46.98 -37.12 36.12
C GLN B 119 46.08 -38.33 35.88
N VAL B 120 46.23 -38.96 34.73
CA VAL B 120 45.58 -40.24 34.45
C VAL B 120 46.68 -41.27 34.19
N THR B 121 46.63 -42.39 34.90
CA THR B 121 47.66 -43.42 34.81
C THR B 121 47.01 -44.76 34.52
N VAL B 122 47.40 -45.36 33.39
CA VAL B 122 46.95 -46.69 33.01
C VAL B 122 48.14 -47.63 33.18
N SER B 123 48.06 -48.52 34.16
CA SER B 123 49.16 -49.44 34.42
C SER B 123 49.06 -50.72 33.58
#